data_1XAH
#
_entry.id   1XAH
#
_cell.length_a   55.260
_cell.length_b   55.260
_cell.length_c   232.870
_cell.angle_alpha   90.00
_cell.angle_beta   90.00
_cell.angle_gamma   90.00
#
_symmetry.space_group_name_H-M   'P 43'
#
loop_
_entity.id
_entity.type
_entity.pdbx_description
1 polymer '3-dehydroquinate synthase'
2 non-polymer 'ZINC ION'
3 non-polymer NICOTINAMIDE-ADENINE-DINUCLEOTIDE
4 water water
#
_entity_poly.entity_id   1
_entity_poly.type   'polypeptide(L)'
_entity_poly.pdbx_seq_one_letter_code
;MKLQTTYPSNNYPIYVEHGAIKYIGTYLNQFDQSFLLIDEYVNQYFANKFDDILSYENVHKVIIPAGEKTKTFEQYQETL
EYILSHHVTRNTAIIAVGGGATGDFAGFVAATLLRGVHFIQVPTTILAHDSSVGGKVGINSKQGKNLIGAFYRPTAVIYD
LDFLKTLPFKQILSGYAEVYKHALLNGESATQDIEQHFKDREILQSLNGMDKYIAKGIETKLDIVVADEKEQGVRKFLNL
GHTFGHAVEYYHKIPHGHAVMVGIIYQFIVANALFDSKHDISHYIQYLIQLGYPLDMITDLDFETLYQYMLSDKKNDKQG
VQMVLMRQFGDIVVQHVDQLTLQHACEQLKTYFK
;
_entity_poly.pdbx_strand_id   A,B
#
loop_
_chem_comp.id
_chem_comp.type
_chem_comp.name
_chem_comp.formula
NAD non-polymer NICOTINAMIDE-ADENINE-DINUCLEOTIDE 'C21 H27 N7 O14 P2'
ZN non-polymer 'ZINC ION' 'Zn 2'
#
# COMPACT_ATOMS: atom_id res chain seq x y z
N MET A 1 14.85 19.63 18.16
CA MET A 1 14.84 18.21 18.61
C MET A 1 14.56 17.26 17.44
N LYS A 2 15.44 16.27 17.28
CA LYS A 2 15.31 15.27 16.23
C LYS A 2 15.03 13.89 16.85
N LEU A 3 13.85 13.35 16.56
CA LEU A 3 13.49 12.02 17.06
C LEU A 3 13.72 11.06 15.88
N GLN A 4 13.71 9.76 16.15
CA GLN A 4 13.94 8.80 15.08
C GLN A 4 13.36 7.45 15.44
N THR A 5 12.71 6.82 14.46
CA THR A 5 12.13 5.50 14.69
C THR A 5 13.22 4.44 14.86
N THR A 6 12.94 3.44 15.69
CA THR A 6 13.89 2.36 15.95
C THR A 6 13.38 0.99 15.55
N TYR A 7 13.07 0.84 14.26
CA TYR A 7 12.60 -0.43 13.75
C TYR A 7 13.84 -1.19 13.33
N PRO A 8 13.74 -2.53 13.16
CA PRO A 8 14.90 -3.33 12.75
C PRO A 8 15.49 -2.85 11.42
N SER A 9 14.76 -1.95 10.74
CA SER A 9 15.21 -1.38 9.46
C SER A 9 14.20 -0.36 8.91
N ASN A 10 14.61 0.43 7.92
CA ASN A 10 13.75 1.44 7.31
C ASN A 10 13.12 2.35 8.36
N ASN A 11 13.97 3.13 9.03
CA ASN A 11 13.53 4.07 10.05
C ASN A 11 13.58 5.49 9.52
N TYR A 12 12.86 6.40 10.17
CA TYR A 12 12.87 7.79 9.73
C TYR A 12 13.04 8.83 10.86
N PRO A 13 13.67 9.97 10.54
CA PRO A 13 13.89 11.03 11.53
C PRO A 13 12.62 11.86 11.67
N ILE A 14 12.51 12.58 12.77
CA ILE A 14 11.36 13.42 13.06
C ILE A 14 11.88 14.73 13.61
N TYR A 15 12.12 15.69 12.72
CA TYR A 15 12.63 17.00 13.10
C TYR A 15 11.55 17.93 13.69
N VAL A 16 11.53 18.08 15.00
CA VAL A 16 10.55 18.97 15.64
C VAL A 16 11.21 20.26 16.17
N GLU A 17 11.04 21.37 15.46
CA GLU A 17 11.64 22.61 15.90
C GLU A 17 11.15 23.82 15.11
N HIS A 18 11.30 25.01 15.69
CA HIS A 18 10.89 26.23 15.02
C HIS A 18 11.85 26.47 13.86
N GLY A 19 11.35 26.37 12.64
CA GLY A 19 12.17 26.59 11.46
C GLY A 19 12.69 25.34 10.76
N ALA A 20 12.19 24.17 11.14
CA ALA A 20 12.63 22.91 10.55
C ALA A 20 12.40 22.80 9.04
N ILE A 21 11.65 23.77 8.52
CA ILE A 21 11.32 23.81 7.10
C ILE A 21 12.58 23.77 6.25
N LYS A 22 13.69 24.20 6.83
CA LYS A 22 14.99 24.23 6.16
C LYS A 22 15.43 22.84 5.69
N TYR A 23 15.26 21.86 6.58
CA TYR A 23 15.64 20.46 6.33
C TYR A 23 15.03 19.82 5.10
N ILE A 24 14.00 20.45 4.53
CA ILE A 24 13.35 19.90 3.35
C ILE A 24 14.27 20.00 2.14
N GLY A 25 15.03 21.09 2.08
CA GLY A 25 15.95 21.26 0.95
C GLY A 25 17.01 20.19 0.94
N THR A 26 17.57 19.89 2.11
CA THR A 26 18.63 18.88 2.25
C THR A 26 18.26 17.54 1.60
N TYR A 27 16.96 17.24 1.54
CA TYR A 27 16.47 16.00 0.94
C TYR A 27 16.20 16.19 -0.56
N LEU A 28 15.36 17.17 -0.86
CA LEU A 28 14.97 17.50 -2.23
C LEU A 28 16.01 17.22 -3.28
N ASN A 29 17.28 17.28 -2.90
CA ASN A 29 18.37 17.05 -3.84
C ASN A 29 18.41 15.63 -4.40
N GLN A 30 18.24 14.65 -3.51
CA GLN A 30 18.28 13.24 -3.90
C GLN A 30 17.01 12.71 -4.55
N PHE A 31 16.22 13.60 -5.13
CA PHE A 31 14.98 13.19 -5.78
C PHE A 31 14.95 13.70 -7.21
N ASP A 32 14.49 12.87 -8.13
CA ASP A 32 14.41 13.28 -9.54
C ASP A 32 13.49 14.48 -9.52
N GLN A 33 12.23 14.22 -9.24
CA GLN A 33 11.23 15.28 -9.16
C GLN A 33 10.64 15.24 -7.76
N SER A 34 9.96 16.30 -7.38
CA SER A 34 9.33 16.40 -6.07
C SER A 34 8.00 17.09 -6.25
N PHE A 35 6.94 16.50 -5.69
CA PHE A 35 5.64 17.09 -5.82
C PHE A 35 5.23 17.64 -4.49
N LEU A 36 5.10 18.96 -4.44
CA LEU A 36 4.71 19.62 -3.24
C LEU A 36 3.20 19.64 -3.24
N LEU A 37 2.60 18.69 -2.53
CA LEU A 37 1.16 18.66 -2.43
C LEU A 37 0.81 19.51 -1.22
N ILE A 38 0.17 20.65 -1.44
CA ILE A 38 -0.16 21.53 -0.34
C ILE A 38 -1.63 21.93 -0.30
N ASP A 39 -2.14 21.99 0.92
CA ASP A 39 -3.54 22.34 1.22
C ASP A 39 -3.94 23.68 0.60
N GLU A 40 -5.16 23.74 0.07
CA GLU A 40 -5.70 24.96 -0.55
C GLU A 40 -5.46 26.21 0.32
N TYR A 41 -5.95 26.17 1.57
CA TYR A 41 -5.78 27.28 2.50
C TYR A 41 -4.32 27.40 2.89
N VAL A 42 -3.72 26.30 3.34
CA VAL A 42 -2.31 26.32 3.74
C VAL A 42 -1.46 27.02 2.69
N ASN A 43 -1.81 26.86 1.42
CA ASN A 43 -1.04 27.51 0.36
C ASN A 43 -1.15 29.04 0.46
N GLN A 44 -2.33 29.53 0.84
CA GLN A 44 -2.56 30.96 0.99
C GLN A 44 -1.63 31.49 2.07
N TYR A 45 -1.66 30.83 3.21
CA TYR A 45 -0.86 31.20 4.36
C TYR A 45 0.66 31.16 4.12
N PHE A 46 1.16 30.07 3.53
CA PHE A 46 2.60 29.96 3.35
C PHE A 46 3.17 29.80 1.95
N ALA A 47 2.41 30.18 0.92
CA ALA A 47 2.88 30.06 -0.45
C ALA A 47 4.28 30.63 -0.63
N ASN A 48 4.59 31.64 0.17
CA ASN A 48 5.90 32.30 0.11
C ASN A 48 7.03 31.55 0.81
N LYS A 49 6.74 30.85 1.89
CA LYS A 49 7.77 30.10 2.60
C LYS A 49 8.38 29.01 1.71
N PHE A 50 7.71 28.68 0.60
CA PHE A 50 8.16 27.63 -0.29
C PHE A 50 8.67 28.08 -1.66
N ASP A 51 8.10 29.16 -2.18
CA ASP A 51 8.52 29.71 -3.48
C ASP A 51 9.96 30.25 -3.41
N ASN A 58 11.96 20.71 -11.19
CA ASN A 58 11.98 19.41 -10.55
C ASN A 58 10.98 19.31 -9.41
N VAL A 59 10.56 20.47 -8.88
CA VAL A 59 9.60 20.50 -7.80
C VAL A 59 8.33 21.16 -8.32
N HIS A 60 7.20 20.50 -8.11
CA HIS A 60 5.92 21.03 -8.57
C HIS A 60 4.96 21.15 -7.39
N LYS A 61 4.17 22.20 -7.41
CA LYS A 61 3.19 22.38 -6.35
C LYS A 61 1.86 21.89 -6.87
N VAL A 62 1.21 21.05 -6.06
CA VAL A 62 -0.08 20.52 -6.41
C VAL A 62 -1.03 21.01 -5.31
N ILE A 63 -1.92 21.93 -5.65
CA ILE A 63 -2.86 22.45 -4.67
C ILE A 63 -4.07 21.56 -4.63
N ILE A 64 -4.30 20.98 -3.45
CA ILE A 64 -5.41 20.08 -3.24
C ILE A 64 -6.44 20.75 -2.34
N PRO A 65 -7.65 20.20 -2.28
CA PRO A 65 -8.74 20.74 -1.46
C PRO A 65 -8.30 21.00 -0.02
N ALA A 66 -9.14 21.73 0.71
CA ALA A 66 -8.86 22.08 2.09
C ALA A 66 -9.35 21.00 3.05
N GLY A 67 -8.50 20.69 4.03
CA GLY A 67 -8.86 19.69 5.02
C GLY A 67 -9.40 18.38 4.47
N GLU A 68 -10.45 17.87 5.11
CA GLU A 68 -11.06 16.60 4.73
C GLU A 68 -11.63 16.54 3.31
N LYS A 69 -11.78 17.70 2.66
CA LYS A 69 -12.35 17.75 1.30
C LYS A 69 -11.53 16.99 0.26
N THR A 70 -10.24 16.82 0.54
CA THR A 70 -9.34 16.14 -0.38
C THR A 70 -9.31 14.63 -0.19
N LYS A 71 -9.70 14.17 0.99
CA LYS A 71 -9.66 12.72 1.27
C LYS A 71 -10.79 11.91 0.67
N THR A 72 -11.00 12.11 -0.64
CA THR A 72 -12.02 11.38 -1.37
C THR A 72 -11.33 10.49 -2.38
N PHE A 73 -12.04 9.43 -2.78
CA PHE A 73 -11.54 8.48 -3.74
C PHE A 73 -11.38 9.19 -5.11
N GLU A 74 -12.25 10.16 -5.36
CA GLU A 74 -12.25 10.93 -6.60
C GLU A 74 -10.97 11.78 -6.70
N GLN A 75 -10.67 12.52 -5.64
CA GLN A 75 -9.49 13.37 -5.60
C GLN A 75 -8.21 12.50 -5.62
N TYR A 76 -8.36 11.24 -5.23
CA TYR A 76 -7.26 10.29 -5.22
C TYR A 76 -6.90 9.94 -6.67
N GLN A 77 -7.90 9.71 -7.50
CA GLN A 77 -7.67 9.37 -8.91
C GLN A 77 -7.10 10.57 -9.68
N GLU A 78 -7.67 11.74 -9.47
CA GLU A 78 -7.22 12.94 -10.15
C GLU A 78 -5.78 13.32 -9.86
N THR A 79 -5.37 13.26 -8.60
CA THR A 79 -4.01 13.61 -8.23
C THR A 79 -2.99 12.60 -8.75
N LEU A 80 -3.31 11.31 -8.67
CA LEU A 80 -2.42 10.28 -9.17
C LEU A 80 -2.27 10.46 -10.69
N GLU A 81 -3.41 10.64 -11.36
CA GLU A 81 -3.40 10.85 -12.80
C GLU A 81 -2.60 12.09 -13.19
N TYR A 82 -2.88 13.21 -12.53
CA TYR A 82 -2.18 14.44 -12.82
C TYR A 82 -0.68 14.26 -12.62
N ILE A 83 -0.30 13.64 -11.52
CA ILE A 83 1.12 13.43 -11.25
C ILE A 83 1.74 12.45 -12.25
N LEU A 84 1.03 11.36 -12.53
CA LEU A 84 1.50 10.35 -13.47
C LEU A 84 1.80 10.94 -14.85
N SER A 85 1.03 11.95 -15.26
CA SER A 85 1.19 12.63 -16.54
C SER A 85 2.55 13.28 -16.69
N HIS A 86 3.15 13.63 -15.55
CA HIS A 86 4.48 14.25 -15.52
C HIS A 86 5.60 13.20 -15.66
N HIS A 87 5.32 12.09 -16.34
CA HIS A 87 6.32 11.04 -16.53
C HIS A 87 7.29 11.00 -15.35
N VAL A 88 6.79 10.52 -14.23
CA VAL A 88 7.58 10.42 -13.01
C VAL A 88 8.36 9.11 -12.94
N THR A 89 9.19 8.98 -11.90
CA THR A 89 9.99 7.76 -11.66
C THR A 89 9.82 7.31 -10.22
N ARG A 90 10.32 6.13 -9.90
CA ARG A 90 10.21 5.59 -8.54
C ARG A 90 11.05 6.40 -7.55
N ASN A 91 11.88 7.30 -8.10
CA ASN A 91 12.74 8.15 -7.26
C ASN A 91 12.17 9.56 -7.19
N THR A 92 10.84 9.62 -7.10
CA THR A 92 10.09 10.85 -6.99
C THR A 92 9.62 10.97 -5.55
N ALA A 93 9.55 12.19 -5.02
CA ALA A 93 9.07 12.34 -3.66
C ALA A 93 7.78 13.14 -3.60
N ILE A 94 6.95 12.78 -2.63
CA ILE A 94 5.69 13.45 -2.43
C ILE A 94 5.89 14.18 -1.11
N ILE A 95 5.90 15.50 -1.17
CA ILE A 95 6.09 16.30 0.02
C ILE A 95 4.75 16.82 0.42
N ALA A 96 4.31 16.43 1.62
CA ALA A 96 3.02 16.83 2.15
C ALA A 96 3.06 18.03 3.08
N VAL A 97 2.59 19.18 2.57
CA VAL A 97 2.56 20.42 3.30
C VAL A 97 1.17 20.71 3.78
N GLY A 98 0.92 20.51 5.07
CA GLY A 98 -0.41 20.76 5.57
C GLY A 98 -0.74 19.96 6.81
N GLY A 99 -2.03 19.87 7.11
CA GLY A 99 -2.47 19.15 8.29
C GLY A 99 -2.49 17.63 8.19
N GLY A 100 -3.37 17.02 8.97
CA GLY A 100 -3.47 15.57 8.98
C GLY A 100 -4.16 15.05 7.74
N ALA A 101 -5.15 15.82 7.25
CA ALA A 101 -5.92 15.46 6.05
C ALA A 101 -5.08 15.43 4.79
N THR A 102 -4.18 16.39 4.62
CA THR A 102 -3.34 16.39 3.43
C THR A 102 -2.27 15.30 3.58
N GLY A 103 -1.71 15.17 4.78
CA GLY A 103 -0.71 14.14 5.03
C GLY A 103 -1.19 12.72 4.70
N ASP A 104 -2.42 12.41 5.11
CA ASP A 104 -3.03 11.10 4.86
C ASP A 104 -3.26 10.86 3.38
N PHE A 105 -3.81 11.87 2.71
CA PHE A 105 -4.09 11.81 1.29
C PHE A 105 -2.79 11.73 0.49
N ALA A 106 -1.95 12.75 0.63
CA ALA A 106 -0.67 12.76 -0.08
C ALA A 106 0.07 11.47 0.22
N GLY A 107 -0.01 11.02 1.48
CA GLY A 107 0.65 9.80 1.89
C GLY A 107 0.16 8.56 1.17
N PHE A 108 -1.13 8.54 0.86
CA PHE A 108 -1.74 7.42 0.16
C PHE A 108 -1.37 7.47 -1.34
N VAL A 109 -1.13 8.69 -1.84
CA VAL A 109 -0.73 8.87 -3.22
C VAL A 109 0.71 8.31 -3.28
N ALA A 110 1.56 8.78 -2.36
CA ALA A 110 2.96 8.36 -2.27
C ALA A 110 3.09 6.86 -2.01
N ALA A 111 2.11 6.29 -1.31
CA ALA A 111 2.13 4.88 -1.02
C ALA A 111 1.76 4.02 -2.23
N THR A 112 0.84 4.51 -3.05
CA THR A 112 0.40 3.75 -4.20
C THR A 112 1.01 4.14 -5.56
N LEU A 113 1.62 5.32 -5.65
CA LEU A 113 2.22 5.78 -6.90
C LEU A 113 3.40 4.88 -7.25
N LEU A 114 3.29 4.18 -8.38
CA LEU A 114 4.36 3.26 -8.81
C LEU A 114 4.67 2.27 -7.71
N ARG A 115 3.66 1.91 -6.92
CA ARG A 115 3.79 0.97 -5.80
C ARG A 115 4.51 1.54 -4.59
N GLY A 116 4.75 2.85 -4.61
CA GLY A 116 5.41 3.50 -3.50
C GLY A 116 6.63 4.31 -3.89
N VAL A 117 6.52 5.64 -3.78
CA VAL A 117 7.63 6.56 -4.08
C VAL A 117 8.13 7.14 -2.76
N HIS A 118 9.00 8.17 -2.81
CA HIS A 118 9.54 8.79 -1.58
C HIS A 118 8.51 9.71 -0.96
N PHE A 119 8.55 9.85 0.35
CA PHE A 119 7.52 10.64 1.03
C PHE A 119 8.00 11.53 2.17
N ILE A 120 7.84 12.84 2.00
CA ILE A 120 8.23 13.77 3.06
C ILE A 120 7.01 14.43 3.71
N GLN A 121 6.91 14.27 5.02
CA GLN A 121 5.82 14.84 5.80
C GLN A 121 6.21 16.20 6.33
N VAL A 122 5.39 17.18 6.01
CA VAL A 122 5.60 18.54 6.45
C VAL A 122 4.33 18.98 7.17
N PRO A 123 4.12 18.50 8.41
CA PRO A 123 2.94 18.82 9.23
C PRO A 123 2.90 20.30 9.66
N THR A 124 1.71 20.89 9.60
CA THR A 124 1.55 22.29 9.94
C THR A 124 0.51 22.56 11.03
N THR A 125 -0.03 21.51 11.64
CA THR A 125 -0.99 21.69 12.73
C THR A 125 -0.54 20.95 13.98
N ILE A 126 -1.16 21.29 15.11
CA ILE A 126 -0.82 20.63 16.38
C ILE A 126 -1.20 19.16 16.28
N LEU A 127 -2.42 18.92 15.80
CA LEU A 127 -2.97 17.59 15.64
C LEU A 127 -2.11 16.75 14.68
N ALA A 128 -1.26 17.40 13.90
CA ALA A 128 -0.42 16.68 12.96
C ALA A 128 0.81 16.12 13.66
N HIS A 129 0.96 16.36 14.96
CA HIS A 129 2.12 15.81 15.66
C HIS A 129 1.84 14.32 15.78
N ASP A 130 0.54 14.01 15.78
CA ASP A 130 0.09 12.64 15.89
C ASP A 130 0.01 11.97 14.53
N SER A 131 -0.71 12.60 13.59
CA SER A 131 -0.90 12.05 12.24
C SER A 131 0.32 11.85 11.33
N SER A 132 1.30 12.75 11.40
CA SER A 132 2.49 12.62 10.57
C SER A 132 3.39 11.46 11.04
N VAL A 133 3.13 10.92 12.23
CA VAL A 133 3.93 9.82 12.79
C VAL A 133 3.16 8.50 12.83
N GLY A 134 3.80 7.41 12.42
CA GLY A 134 3.13 6.12 12.48
C GLY A 134 2.81 5.43 11.16
N GLY A 135 2.90 6.15 10.05
CA GLY A 135 2.64 5.55 8.76
C GLY A 135 1.21 5.39 8.27
N LYS A 136 0.21 5.65 9.11
CA LYS A 136 -1.17 5.51 8.64
C LYS A 136 -1.50 6.60 7.64
N VAL A 137 -1.92 6.20 6.45
CA VAL A 137 -2.28 7.15 5.41
C VAL A 137 -3.56 6.62 4.79
N GLY A 138 -4.27 7.44 4.03
CA GLY A 138 -5.48 6.94 3.43
C GLY A 138 -6.54 7.97 3.13
N ILE A 139 -7.69 7.50 2.67
CA ILE A 139 -8.77 8.39 2.36
C ILE A 139 -10.02 7.85 3.00
N ASN A 140 -11.12 8.57 2.81
CA ASN A 140 -12.40 8.17 3.35
C ASN A 140 -13.22 7.50 2.25
N SER A 141 -14.26 6.78 2.67
CA SER A 141 -15.14 6.10 1.72
C SER A 141 -16.56 6.60 2.02
N LYS A 142 -17.43 6.48 1.02
CA LYS A 142 -18.82 6.91 1.19
C LYS A 142 -19.42 6.22 2.42
N GLN A 143 -18.78 5.13 2.87
CA GLN A 143 -19.24 4.41 4.05
C GLN A 143 -18.85 5.14 5.32
N GLY A 144 -17.54 5.39 5.48
CA GLY A 144 -17.07 6.07 6.67
C GLY A 144 -15.67 6.66 6.62
N LYS A 145 -15.14 7.01 7.78
CA LYS A 145 -13.82 7.61 7.85
C LYS A 145 -12.69 6.64 7.60
N ASN A 146 -11.59 7.19 7.07
CA ASN A 146 -10.37 6.44 6.74
C ASN A 146 -10.66 4.95 6.65
N LEU A 147 -11.44 4.57 5.66
CA LEU A 147 -11.82 3.17 5.46
C LEU A 147 -10.91 2.52 4.42
N ILE A 148 -10.23 3.37 3.68
CA ILE A 148 -9.32 2.95 2.64
C ILE A 148 -7.99 3.61 2.90
N GLY A 149 -6.92 2.84 2.83
CA GLY A 149 -5.60 3.40 3.08
C GLY A 149 -4.51 2.35 3.16
N ALA A 150 -3.38 2.74 3.76
CA ALA A 150 -2.24 1.85 3.89
C ALA A 150 -1.34 2.30 5.02
N PHE A 151 -0.36 1.45 5.32
CA PHE A 151 0.65 1.74 6.32
C PHE A 151 1.86 2.01 5.45
N TYR A 152 2.45 3.19 5.61
CA TYR A 152 3.60 3.56 4.79
C TYR A 152 4.48 4.62 5.48
N ARG A 153 5.70 4.19 5.82
CA ARG A 153 6.65 5.05 6.51
C ARG A 153 7.18 6.19 5.66
N PRO A 154 7.13 7.42 6.16
CA PRO A 154 7.65 8.52 5.36
C PRO A 154 9.17 8.40 5.33
N THR A 155 9.82 9.14 4.44
CA THR A 155 11.27 9.10 4.40
C THR A 155 11.75 9.93 5.58
N ALA A 156 10.93 10.91 5.95
CA ALA A 156 11.24 11.80 7.07
C ALA A 156 10.03 12.65 7.44
N VAL A 157 10.01 13.10 8.69
CA VAL A 157 8.94 13.96 9.17
C VAL A 157 9.63 15.27 9.56
N ILE A 158 9.23 16.36 8.93
CA ILE A 158 9.81 17.67 9.23
C ILE A 158 8.71 18.57 9.79
N TYR A 159 8.70 18.67 11.12
CA TYR A 159 7.73 19.43 11.88
C TYR A 159 8.26 20.80 12.32
N ASP A 160 7.87 21.86 11.61
CA ASP A 160 8.30 23.24 11.93
C ASP A 160 7.22 23.96 12.77
N LEU A 161 7.51 24.17 14.06
CA LEU A 161 6.58 24.79 15.00
C LEU A 161 6.10 26.19 14.69
N ASP A 162 6.76 26.88 13.76
CA ASP A 162 6.36 28.24 13.39
C ASP A 162 5.06 28.21 12.57
N PHE A 163 4.77 27.05 11.97
CA PHE A 163 3.55 26.87 11.17
C PHE A 163 2.32 27.03 12.06
N LEU A 164 2.49 26.66 13.33
CA LEU A 164 1.43 26.71 14.32
C LEU A 164 0.91 28.11 14.67
N LYS A 165 1.75 29.13 14.51
CA LYS A 165 1.37 30.51 14.84
C LYS A 165 0.06 31.01 14.20
N THR A 166 -0.29 30.47 13.03
CA THR A 166 -1.49 30.89 12.31
C THR A 166 -2.75 30.06 12.52
N LEU A 167 -2.72 29.17 13.49
CA LEU A 167 -3.87 28.31 13.77
C LEU A 167 -4.99 28.98 14.56
N PRO A 168 -6.21 29.01 14.00
CA PRO A 168 -7.30 29.63 14.75
C PRO A 168 -7.40 28.84 16.04
N PHE A 169 -8.18 29.34 16.99
CA PHE A 169 -8.32 28.62 18.26
C PHE A 169 -9.03 27.30 18.02
N LYS A 170 -9.94 27.31 17.05
CA LYS A 170 -10.71 26.12 16.68
C LYS A 170 -9.78 24.94 16.35
N GLN A 171 -8.67 25.24 15.67
CA GLN A 171 -7.70 24.21 15.31
C GLN A 171 -6.78 23.92 16.48
N ILE A 172 -6.58 24.91 17.34
CA ILE A 172 -5.75 24.68 18.50
C ILE A 172 -6.49 23.67 19.39
N LEU A 173 -7.75 23.96 19.71
CA LEU A 173 -8.56 23.07 20.52
C LEU A 173 -8.55 21.66 19.95
N SER A 174 -8.84 21.55 18.65
CA SER A 174 -8.87 20.26 17.96
C SER A 174 -7.56 19.50 18.09
N GLY A 175 -6.45 20.20 17.88
CA GLY A 175 -5.17 19.54 17.99
C GLY A 175 -4.84 19.15 19.42
N TYR A 176 -5.20 20.01 20.36
CA TYR A 176 -4.92 19.73 21.77
C TYR A 176 -5.45 18.37 22.24
N ALA A 177 -6.62 17.99 21.74
CA ALA A 177 -7.22 16.71 22.13
C ALA A 177 -6.26 15.52 22.02
N GLU A 178 -5.44 15.53 20.97
CA GLU A 178 -4.46 14.46 20.74
C GLU A 178 -3.24 14.61 21.65
N VAL A 179 -2.85 15.85 21.90
CA VAL A 179 -1.72 16.11 22.79
C VAL A 179 -2.14 15.61 24.15
N TYR A 180 -3.41 15.85 24.49
CA TYR A 180 -3.98 15.44 25.77
C TYR A 180 -4.24 13.93 25.83
N LYS A 181 -4.56 13.31 24.70
CA LYS A 181 -4.79 11.87 24.70
C LYS A 181 -3.48 11.16 25.03
N HIS A 182 -2.39 11.63 24.41
CA HIS A 182 -1.08 11.04 24.64
C HIS A 182 -0.65 11.20 26.08
N ALA A 183 -0.95 12.36 26.65
CA ALA A 183 -0.63 12.59 28.05
C ALA A 183 -1.42 11.57 28.85
N LEU A 184 -2.71 11.44 28.57
CA LEU A 184 -3.54 10.47 29.27
C LEU A 184 -2.91 9.07 29.18
N LEU A 185 -2.52 8.68 27.97
CA LEU A 185 -1.92 7.37 27.76
C LEU A 185 -0.54 7.28 28.39
N ASN A 186 0.13 8.41 28.50
CA ASN A 186 1.46 8.46 29.08
C ASN A 186 1.40 8.33 30.62
N GLY A 187 0.23 8.51 31.22
CA GLY A 187 0.13 8.38 32.65
C GLY A 187 -0.52 9.50 33.48
N GLU A 188 -0.81 9.19 34.74
CA GLU A 188 -1.45 10.14 35.64
C GLU A 188 -0.58 11.35 35.93
N SER A 189 0.73 11.14 36.01
CA SER A 189 1.69 12.21 36.29
C SER A 189 1.86 13.17 35.12
N ALA A 190 1.71 12.64 33.91
CA ALA A 190 1.84 13.49 32.74
C ALA A 190 0.52 14.21 32.47
N THR A 191 -0.59 13.60 32.88
CA THR A 191 -1.91 14.21 32.70
C THR A 191 -2.12 15.37 33.68
N GLN A 192 -1.75 15.20 34.95
CA GLN A 192 -1.91 16.28 35.91
C GLN A 192 -0.88 17.36 35.57
N ASP A 193 0.24 16.95 34.96
CA ASP A 193 1.28 17.89 34.58
C ASP A 193 0.80 18.85 33.48
N ILE A 194 0.14 18.29 32.45
CA ILE A 194 -0.37 19.09 31.34
C ILE A 194 -1.65 19.86 31.72
N GLU A 195 -2.47 19.29 32.61
CA GLU A 195 -3.70 19.92 33.07
C GLU A 195 -3.42 21.21 33.85
N GLN A 196 -2.35 21.19 34.63
CA GLN A 196 -1.93 22.32 35.46
C GLN A 196 -1.34 23.45 34.65
N HIS A 197 -0.65 23.10 33.57
CA HIS A 197 -0.04 24.08 32.68
C HIS A 197 -1.13 24.71 31.81
N PHE A 198 -1.73 23.90 30.94
CA PHE A 198 -2.81 24.38 30.07
C PHE A 198 -4.09 24.25 30.90
N LYS A 199 -4.25 25.19 31.83
CA LYS A 199 -5.40 25.23 32.74
C LYS A 199 -6.60 26.00 32.21
N ASP A 200 -6.37 26.88 31.23
CA ASP A 200 -7.45 27.68 30.66
C ASP A 200 -7.27 28.05 29.20
N ARG A 201 -8.34 28.55 28.59
CA ARG A 201 -8.35 28.98 27.20
C ARG A 201 -7.21 29.93 26.86
N GLU A 202 -7.00 30.91 27.73
CA GLU A 202 -5.95 31.91 27.49
C GLU A 202 -4.58 31.29 27.29
N ILE A 203 -4.16 30.46 28.23
CA ILE A 203 -2.86 29.82 28.13
C ILE A 203 -2.78 28.93 26.89
N LEU A 204 -3.81 28.11 26.68
CA LEU A 204 -3.83 27.23 25.52
C LEU A 204 -3.71 28.08 24.25
N GLN A 205 -4.58 29.07 24.08
CA GLN A 205 -4.57 29.91 22.88
C GLN A 205 -3.24 30.59 22.60
N SER A 206 -2.42 30.74 23.64
CA SER A 206 -1.12 31.37 23.50
C SER A 206 -0.05 30.40 23.03
N LEU A 207 -0.36 29.10 23.12
CA LEU A 207 0.57 28.04 22.72
C LEU A 207 1.87 27.98 23.52
N ASN A 208 1.96 28.78 24.58
CA ASN A 208 3.16 28.80 25.42
C ASN A 208 3.47 27.43 26.01
N GLY A 209 4.61 26.87 25.61
CA GLY A 209 5.01 25.58 26.14
C GLY A 209 4.37 24.39 25.46
N MET A 210 3.72 24.62 24.33
CA MET A 210 3.06 23.53 23.59
C MET A 210 4.16 22.67 22.97
N ASP A 211 5.30 23.29 22.70
CA ASP A 211 6.44 22.60 22.12
C ASP A 211 6.77 21.35 22.92
N LYS A 212 7.06 21.56 24.20
CA LYS A 212 7.41 20.46 25.10
C LYS A 212 6.34 19.38 25.10
N TYR A 213 5.08 19.80 25.17
CA TYR A 213 4.00 18.83 25.21
C TYR A 213 3.79 18.14 23.88
N ILE A 214 4.07 18.85 22.80
CA ILE A 214 3.94 18.26 21.49
C ILE A 214 5.03 17.20 21.37
N ALA A 215 6.26 17.57 21.73
CA ALA A 215 7.39 16.63 21.67
C ALA A 215 7.11 15.41 22.55
N LYS A 216 6.62 15.67 23.75
CA LYS A 216 6.30 14.60 24.67
C LYS A 216 5.28 13.68 23.99
N GLY A 217 4.30 14.30 23.33
CA GLY A 217 3.26 13.55 22.64
C GLY A 217 3.81 12.64 21.56
N ILE A 218 4.78 13.15 20.79
CA ILE A 218 5.39 12.36 19.73
C ILE A 218 6.20 11.19 20.28
N GLU A 219 6.89 11.41 21.40
CA GLU A 219 7.68 10.33 22.00
C GLU A 219 6.72 9.24 22.48
N THR A 220 5.62 9.65 23.10
CA THR A 220 4.67 8.68 23.58
C THR A 220 4.25 7.75 22.45
N LYS A 221 3.73 8.35 21.38
CA LYS A 221 3.28 7.56 20.23
C LYS A 221 4.42 6.81 19.54
N LEU A 222 5.60 7.42 19.50
CA LEU A 222 6.74 6.79 18.84
C LEU A 222 7.12 5.48 19.53
N ASP A 223 6.74 5.34 20.80
CA ASP A 223 7.02 4.11 21.53
C ASP A 223 6.03 3.06 21.10
N ILE A 224 4.76 3.44 21.12
CA ILE A 224 3.66 2.57 20.75
C ILE A 224 3.71 2.07 19.31
N VAL A 225 3.97 2.96 18.37
CA VAL A 225 3.99 2.55 16.97
C VAL A 225 5.24 1.74 16.58
N VAL A 226 6.38 2.00 17.22
CA VAL A 226 7.57 1.19 16.93
C VAL A 226 7.36 -0.18 17.58
N ALA A 227 6.61 -0.18 18.66
CA ALA A 227 6.28 -1.38 19.42
C ALA A 227 5.25 -2.20 18.64
N ASP A 228 4.17 -1.55 18.22
CA ASP A 228 3.09 -2.21 17.47
C ASP A 228 2.67 -1.40 16.24
N GLU A 229 3.49 -1.44 15.20
CA GLU A 229 3.26 -0.69 13.98
C GLU A 229 1.93 -0.89 13.26
N LYS A 230 1.47 -2.14 13.15
CA LYS A 230 0.23 -2.47 12.44
C LYS A 230 -1.05 -2.58 13.27
N GLU A 231 -1.10 -1.93 14.42
CA GLU A 231 -2.27 -1.97 15.28
C GLU A 231 -2.73 -3.38 15.60
N GLN A 232 -1.77 -4.26 15.90
CA GLN A 232 -2.10 -5.63 16.24
C GLN A 232 -2.04 -5.84 17.77
N GLY A 233 -1.63 -4.80 18.48
CA GLY A 233 -1.53 -4.89 19.94
C GLY A 233 -1.74 -3.57 20.67
N VAL A 234 -0.66 -3.02 21.21
CA VAL A 234 -0.75 -1.76 21.94
C VAL A 234 -1.03 -0.51 21.11
N ARG A 235 -0.92 -0.58 19.80
CA ARG A 235 -1.20 0.62 19.03
C ARG A 235 -2.69 0.92 19.06
N LYS A 236 -3.47 -0.04 19.52
CA LYS A 236 -4.90 0.17 19.62
C LYS A 236 -5.24 1.12 20.76
N PHE A 237 -4.29 1.35 21.67
CA PHE A 237 -4.55 2.25 22.79
C PHE A 237 -4.62 3.67 22.25
N LEU A 238 -3.99 3.89 21.10
CA LEU A 238 -4.01 5.22 20.54
C LEU A 238 -5.44 5.61 20.15
N ASN A 239 -6.32 4.62 20.00
CA ASN A 239 -7.71 4.90 19.63
C ASN A 239 -8.55 5.28 20.84
N LEU A 240 -7.88 5.71 21.91
CA LEU A 240 -8.58 6.12 23.12
C LEU A 240 -9.58 7.22 22.75
N GLY A 241 -10.85 7.01 23.06
CA GLY A 241 -11.86 8.01 22.77
C GLY A 241 -12.20 8.26 21.30
N HIS A 242 -11.78 7.36 20.41
CA HIS A 242 -12.08 7.53 18.99
C HIS A 242 -13.31 6.70 18.59
N THR A 243 -13.63 5.73 19.42
CA THR A 243 -14.79 4.86 19.20
C THR A 243 -16.01 5.77 19.08
N PHE A 244 -16.29 6.49 20.17
CA PHE A 244 -17.43 7.41 20.23
C PHE A 244 -17.10 8.71 19.52
N GLY A 245 -15.81 9.02 19.40
CA GLY A 245 -15.39 10.24 18.74
C GLY A 245 -15.65 10.20 17.25
N HIS A 246 -15.12 9.19 16.58
CA HIS A 246 -15.28 9.02 15.13
C HIS A 246 -16.73 9.11 14.68
N ALA A 247 -17.63 8.64 15.54
CA ALA A 247 -19.05 8.68 15.26
C ALA A 247 -19.49 10.14 15.31
N VAL A 248 -19.60 10.66 16.55
CA VAL A 248 -19.98 12.04 16.81
C VAL A 248 -19.51 13.00 15.72
N GLU A 249 -18.27 12.81 15.28
CA GLU A 249 -17.68 13.64 14.24
C GLU A 249 -18.46 13.53 12.93
N TYR A 250 -18.69 12.29 12.50
CA TYR A 250 -19.41 12.03 11.25
C TYR A 250 -20.88 12.44 11.20
N TYR A 251 -21.45 12.83 12.33
CA TYR A 251 -22.85 13.25 12.36
C TYR A 251 -23.01 14.73 12.62
N HIS A 252 -22.10 15.30 13.41
CA HIS A 252 -22.16 16.73 13.75
C HIS A 252 -21.03 17.49 13.08
N LYS A 253 -20.26 16.77 12.28
CA LYS A 253 -19.13 17.30 11.54
C LYS A 253 -18.26 18.32 12.28
N ILE A 254 -18.08 18.11 13.59
CA ILE A 254 -17.23 19.01 14.37
C ILE A 254 -15.79 18.61 14.13
N PRO A 255 -14.84 19.43 14.58
CA PRO A 255 -13.43 19.11 14.38
C PRO A 255 -13.08 17.76 15.00
N HIS A 256 -12.11 17.10 14.38
CA HIS A 256 -11.64 15.80 14.83
C HIS A 256 -11.33 15.80 16.33
N GLY A 257 -10.48 16.74 16.75
CA GLY A 257 -10.11 16.84 18.14
C GLY A 257 -11.27 17.14 19.07
N HIS A 258 -12.23 17.94 18.61
CA HIS A 258 -13.38 18.25 19.44
C HIS A 258 -14.12 16.96 19.77
N ALA A 259 -14.24 16.08 18.77
CA ALA A 259 -14.94 14.80 18.89
C ALA A 259 -14.22 13.81 19.81
N VAL A 260 -12.90 13.79 19.69
CA VAL A 260 -12.07 12.91 20.52
C VAL A 260 -12.34 13.29 21.97
N MET A 261 -12.23 14.57 22.31
CA MET A 261 -12.49 15.01 23.68
C MET A 261 -13.83 14.47 24.17
N VAL A 262 -14.87 14.59 23.33
CA VAL A 262 -16.19 14.10 23.70
C VAL A 262 -16.18 12.59 23.88
N GLY A 263 -15.35 11.93 23.06
CA GLY A 263 -15.22 10.50 23.15
C GLY A 263 -14.38 10.08 24.35
N ILE A 264 -13.45 10.93 24.75
CA ILE A 264 -12.58 10.66 25.91
C ILE A 264 -13.41 10.79 27.18
N ILE A 265 -14.41 11.66 27.14
CA ILE A 265 -15.28 11.81 28.31
C ILE A 265 -16.13 10.56 28.32
N TYR A 266 -16.76 10.29 27.18
CA TYR A 266 -17.62 9.14 27.00
C TYR A 266 -16.93 7.89 27.48
N GLN A 267 -15.68 7.73 27.07
CA GLN A 267 -14.86 6.59 27.44
C GLN A 267 -14.79 6.42 28.96
N PHE A 268 -14.51 7.51 29.67
CA PHE A 268 -14.44 7.50 31.13
C PHE A 268 -15.75 7.03 31.76
N ILE A 269 -16.88 7.48 31.19
CA ILE A 269 -18.20 7.10 31.68
C ILE A 269 -18.42 5.59 31.53
N VAL A 270 -17.95 5.04 30.41
CA VAL A 270 -18.09 3.62 30.15
C VAL A 270 -17.24 2.81 31.14
N ALA A 271 -16.00 3.24 31.36
CA ALA A 271 -15.13 2.53 32.28
C ALA A 271 -15.77 2.49 33.67
N ASN A 272 -16.46 3.55 34.05
CA ASN A 272 -17.12 3.62 35.36
C ASN A 272 -18.26 2.60 35.49
N ALA A 273 -18.93 2.31 34.37
CA ALA A 273 -20.03 1.36 34.38
C ALA A 273 -19.52 -0.05 34.61
N LEU A 274 -18.55 -0.43 33.79
CA LEU A 274 -17.95 -1.77 33.83
C LEU A 274 -17.08 -2.01 35.06
N PHE A 275 -15.92 -1.35 35.09
CA PHE A 275 -15.00 -1.55 36.20
C PHE A 275 -15.17 -0.63 37.40
N ASP A 276 -16.11 0.32 37.34
CA ASP A 276 -16.34 1.28 38.44
C ASP A 276 -15.00 1.91 38.81
N SER A 277 -14.40 2.62 37.85
CA SER A 277 -13.09 3.24 38.03
C SER A 277 -13.07 4.45 38.97
N LYS A 278 -14.24 5.02 39.24
CA LYS A 278 -14.35 6.21 40.10
C LYS A 278 -13.64 7.39 39.41
N HIS A 279 -14.00 7.62 38.14
CA HIS A 279 -13.45 8.72 37.36
C HIS A 279 -14.28 9.97 37.64
N ASP A 280 -13.64 11.07 38.02
CA ASP A 280 -14.40 12.29 38.27
C ASP A 280 -14.78 12.85 36.92
N ILE A 281 -15.93 12.43 36.42
CA ILE A 281 -16.42 12.89 35.13
C ILE A 281 -16.59 14.39 35.22
N SER A 282 -17.11 14.85 36.35
CA SER A 282 -17.31 16.28 36.57
C SER A 282 -15.97 17.01 36.43
N HIS A 283 -14.87 16.37 36.80
CA HIS A 283 -13.55 16.99 36.67
C HIS A 283 -13.15 17.20 35.22
N TYR A 284 -13.28 16.16 34.39
CA TYR A 284 -12.91 16.26 32.98
C TYR A 284 -13.79 17.25 32.23
N ILE A 285 -15.09 17.22 32.53
CA ILE A 285 -16.05 18.14 31.93
C ILE A 285 -15.63 19.59 32.16
N GLN A 286 -15.29 19.90 33.42
CA GLN A 286 -14.86 21.25 33.79
C GLN A 286 -13.54 21.65 33.11
N TYR A 287 -12.68 20.67 32.88
CA TYR A 287 -11.43 20.98 32.23
C TYR A 287 -11.68 21.42 30.77
N LEU A 288 -12.64 20.76 30.10
CA LEU A 288 -13.00 21.09 28.72
C LEU A 288 -13.62 22.47 28.68
N ILE A 289 -14.40 22.78 29.71
CA ILE A 289 -15.06 24.08 29.82
C ILE A 289 -14.05 25.21 30.00
N GLN A 290 -13.01 24.95 30.76
CA GLN A 290 -11.96 25.93 31.02
C GLN A 290 -11.06 26.14 29.81
N LEU A 291 -10.95 25.11 28.98
CA LEU A 291 -10.13 25.18 27.80
C LEU A 291 -10.84 25.89 26.68
N GLY A 292 -12.16 26.00 26.80
CA GLY A 292 -12.95 26.68 25.79
C GLY A 292 -13.61 25.79 24.75
N TYR A 293 -13.75 24.51 25.08
CA TYR A 293 -14.36 23.56 24.16
C TYR A 293 -15.85 23.82 24.04
N PRO A 294 -16.33 24.09 22.82
CA PRO A 294 -17.76 24.33 22.68
C PRO A 294 -18.48 23.05 23.12
N LEU A 295 -19.31 23.16 24.15
CA LEU A 295 -20.03 22.00 24.64
C LEU A 295 -21.49 21.99 24.22
N ASP A 296 -21.72 21.75 22.94
CA ASP A 296 -23.07 21.71 22.40
C ASP A 296 -23.18 20.75 21.22
N GLY A 320 -21.06 -6.78 20.54
CA GLY A 320 -20.00 -6.17 21.32
C GLY A 320 -19.08 -5.24 20.54
N VAL A 321 -19.21 -3.94 20.81
CA VAL A 321 -18.40 -2.90 20.16
C VAL A 321 -17.06 -2.72 20.85
N GLN A 322 -15.96 -2.87 20.09
CA GLN A 322 -14.61 -2.70 20.64
C GLN A 322 -14.52 -1.32 21.28
N MET A 323 -13.44 -1.07 22.03
CA MET A 323 -13.27 0.23 22.68
C MET A 323 -12.05 0.27 23.59
N VAL A 324 -11.26 1.34 23.48
CA VAL A 324 -10.09 1.53 24.32
C VAL A 324 -10.57 2.25 25.58
N LEU A 325 -10.56 1.53 26.69
CA LEU A 325 -11.00 2.06 27.98
C LEU A 325 -9.85 2.15 28.96
N MET A 326 -9.83 3.23 29.73
CA MET A 326 -8.81 3.43 30.73
C MET A 326 -9.49 2.99 32.01
N ARG A 327 -9.03 1.87 32.58
CA ARG A 327 -9.62 1.39 33.82
C ARG A 327 -8.98 2.18 34.97
N GLN A 328 -7.75 2.63 34.72
CA GLN A 328 -6.96 3.42 35.65
C GLN A 328 -5.73 3.89 34.89
N PHE A 329 -5.16 5.02 35.28
CA PHE A 329 -3.95 5.50 34.62
C PHE A 329 -2.94 4.35 34.64
N GLY A 330 -2.52 3.91 33.46
CA GLY A 330 -1.55 2.83 33.39
C GLY A 330 -2.19 1.46 33.20
N ASP A 331 -3.52 1.43 33.23
CA ASP A 331 -4.26 0.19 33.03
C ASP A 331 -5.26 0.43 31.91
N ILE A 332 -4.75 0.55 30.68
CA ILE A 332 -5.61 0.77 29.53
C ILE A 332 -5.98 -0.59 28.93
N VAL A 333 -7.27 -0.80 28.66
CA VAL A 333 -7.75 -2.06 28.09
C VAL A 333 -8.55 -1.88 26.82
N VAL A 334 -8.63 -2.94 26.02
CA VAL A 334 -9.40 -2.94 24.76
C VAL A 334 -10.41 -4.10 24.84
N GLN A 335 -11.70 -3.78 24.83
CA GLN A 335 -12.72 -4.82 24.92
C GLN A 335 -14.08 -4.37 24.42
N HIS A 336 -14.96 -5.33 24.20
CA HIS A 336 -16.30 -5.04 23.72
C HIS A 336 -17.20 -4.44 24.78
N VAL A 337 -18.26 -3.79 24.33
CA VAL A 337 -19.21 -3.15 25.23
C VAL A 337 -20.60 -3.29 24.57
N ASP A 338 -21.61 -3.64 25.36
CA ASP A 338 -22.97 -3.80 24.84
C ASP A 338 -23.72 -2.48 24.66
N GLN A 339 -24.77 -2.50 23.83
CA GLN A 339 -25.55 -1.29 23.59
C GLN A 339 -26.12 -0.68 24.88
N LEU A 340 -26.59 -1.51 25.79
CA LEU A 340 -27.17 -1.05 27.06
C LEU A 340 -26.19 -0.22 27.89
N THR A 341 -24.92 -0.62 27.91
CA THR A 341 -23.87 0.10 28.65
C THR A 341 -23.54 1.40 27.93
N LEU A 342 -23.53 1.36 26.60
CA LEU A 342 -23.25 2.54 25.79
C LEU A 342 -24.47 3.44 25.79
N GLN A 343 -25.64 2.82 25.93
CA GLN A 343 -26.90 3.55 25.98
C GLN A 343 -26.92 4.33 27.29
N HIS A 344 -26.50 3.69 28.37
CA HIS A 344 -26.46 4.33 29.68
C HIS A 344 -25.32 5.35 29.76
N ALA A 345 -24.22 5.08 29.05
CA ALA A 345 -23.05 5.96 29.05
C ALA A 345 -23.36 7.24 28.30
N CYS A 346 -24.25 7.14 27.32
CA CYS A 346 -24.64 8.29 26.55
C CYS A 346 -25.68 9.11 27.35
N GLU A 347 -26.50 8.41 28.13
CA GLU A 347 -27.52 9.05 28.96
C GLU A 347 -26.79 9.97 29.93
N GLN A 348 -25.81 9.40 30.61
CA GLN A 348 -24.98 10.11 31.58
C GLN A 348 -24.30 11.32 30.96
N LEU A 349 -23.80 11.17 29.74
CA LEU A 349 -23.11 12.26 29.07
C LEU A 349 -24.05 13.43 28.74
N LYS A 350 -25.27 13.11 28.32
CA LYS A 350 -26.27 14.12 27.98
C LYS A 350 -26.69 14.91 29.22
N THR A 351 -26.33 14.38 30.39
CA THR A 351 -26.61 15.05 31.66
C THR A 351 -25.95 16.40 31.63
N TYR A 352 -24.70 16.38 31.20
CA TYR A 352 -23.89 17.58 31.08
C TYR A 352 -24.27 18.35 29.82
N MET B 1 3.95 -30.08 -3.37
CA MET B 1 5.15 -29.31 -2.91
C MET B 1 4.74 -28.00 -2.25
N LYS B 2 5.25 -27.76 -1.05
CA LYS B 2 4.98 -26.55 -0.30
C LYS B 2 6.25 -25.71 -0.15
N LEU B 3 6.27 -24.55 -0.79
CA LEU B 3 7.40 -23.64 -0.70
C LEU B 3 7.03 -22.60 0.37
N GLN B 4 7.99 -21.76 0.77
CA GLN B 4 7.69 -20.77 1.79
C GLN B 4 8.75 -19.69 1.76
N THR B 5 8.33 -18.46 1.97
CA THR B 5 9.26 -17.33 1.98
C THR B 5 10.09 -17.34 3.26
N THR B 6 11.27 -16.73 3.19
CA THR B 6 12.19 -16.68 4.34
C THR B 6 12.62 -15.27 4.77
N TYR B 7 11.66 -14.36 4.90
CA TYR B 7 11.98 -13.01 5.33
C TYR B 7 12.21 -13.06 6.85
N PRO B 8 12.85 -12.02 7.42
CA PRO B 8 13.09 -12.00 8.86
C PRO B 8 11.79 -12.20 9.64
N SER B 9 10.66 -11.85 9.01
CA SER B 9 9.34 -12.01 9.62
C SER B 9 8.23 -11.83 8.60
N ASN B 10 7.04 -12.31 8.93
CA ASN B 10 5.88 -12.20 8.04
C ASN B 10 6.13 -12.92 6.72
N ASN B 11 6.21 -14.25 6.79
CA ASN B 11 6.44 -15.08 5.61
C ASN B 11 5.17 -15.87 5.27
N TYR B 12 5.05 -16.28 4.02
CA TYR B 12 3.89 -17.05 3.58
C TYR B 12 4.24 -18.34 2.83
N PRO B 13 3.39 -19.36 2.96
CA PRO B 13 3.60 -20.65 2.28
C PRO B 13 3.15 -20.53 0.83
N ILE B 14 3.59 -21.47 -0.01
CA ILE B 14 3.22 -21.47 -1.41
C ILE B 14 2.93 -22.92 -1.77
N TYR B 15 1.66 -23.30 -1.68
CA TYR B 15 1.21 -24.67 -1.98
C TYR B 15 1.02 -24.94 -3.49
N VAL B 16 1.98 -25.62 -4.10
CA VAL B 16 1.91 -25.96 -5.51
C VAL B 16 1.61 -27.44 -5.75
N GLU B 17 0.37 -27.76 -6.09
CA GLU B 17 0.01 -29.15 -6.34
C GLU B 17 -1.37 -29.30 -6.94
N HIS B 18 -1.60 -30.45 -7.58
CA HIS B 18 -2.88 -30.74 -8.19
C HIS B 18 -3.88 -30.99 -7.05
N GLY B 19 -4.91 -30.17 -6.97
CA GLY B 19 -5.90 -30.34 -5.91
C GLY B 19 -5.58 -29.52 -4.67
N ALA B 20 -4.60 -28.62 -4.77
CA ALA B 20 -4.22 -27.79 -3.63
C ALA B 20 -5.38 -26.89 -3.18
N ILE B 21 -6.44 -26.85 -3.98
CA ILE B 21 -7.61 -26.05 -3.70
C ILE B 21 -8.23 -26.41 -2.35
N LYS B 22 -7.93 -27.60 -1.85
CA LYS B 22 -8.47 -28.07 -0.58
C LYS B 22 -8.03 -27.20 0.61
N TYR B 23 -6.76 -26.78 0.60
CA TYR B 23 -6.17 -25.97 1.66
C TYR B 23 -6.85 -24.62 1.91
N ILE B 24 -7.68 -24.18 0.97
CA ILE B 24 -8.36 -22.90 1.15
C ILE B 24 -9.27 -23.01 2.36
N GLY B 25 -9.91 -24.17 2.50
CA GLY B 25 -10.80 -24.39 3.62
C GLY B 25 -10.08 -24.19 4.96
N THR B 26 -8.95 -24.87 5.12
CA THR B 26 -8.16 -24.80 6.35
C THR B 26 -7.87 -23.38 6.86
N TYR B 27 -8.04 -22.39 5.99
CA TYR B 27 -7.82 -20.98 6.34
C TYR B 27 -9.14 -20.29 6.63
N LEU B 28 -10.05 -20.36 5.66
CA LEU B 28 -11.36 -19.75 5.73
C LEU B 28 -12.01 -19.72 7.10
N ASN B 29 -11.59 -20.64 7.96
CA ASN B 29 -12.14 -20.72 9.31
C ASN B 29 -11.73 -19.54 10.20
N GLN B 30 -10.43 -19.25 10.19
CA GLN B 30 -9.90 -18.15 11.00
C GLN B 30 -10.23 -16.78 10.42
N PHE B 31 -11.31 -16.69 9.65
CA PHE B 31 -11.71 -15.42 9.05
C PHE B 31 -13.16 -15.09 9.31
N ASP B 32 -13.42 -13.85 9.71
CA ASP B 32 -14.79 -13.42 9.96
C ASP B 32 -15.50 -13.61 8.64
N GLN B 33 -15.18 -12.74 7.69
CA GLN B 33 -15.76 -12.81 6.36
C GLN B 33 -14.67 -13.10 5.34
N SER B 34 -15.07 -13.69 4.22
CA SER B 34 -14.13 -14.01 3.15
C SER B 34 -14.79 -13.63 1.84
N PHE B 35 -14.14 -12.77 1.06
CA PHE B 35 -14.67 -12.37 -0.23
C PHE B 35 -13.92 -13.07 -1.34
N LEU B 36 -14.63 -13.93 -2.05
CA LEU B 36 -14.06 -14.68 -3.14
C LEU B 36 -14.11 -13.83 -4.40
N LEU B 37 -13.06 -13.06 -4.66
CA LEU B 37 -13.07 -12.28 -5.88
C LEU B 37 -12.61 -13.22 -6.99
N ILE B 38 -13.51 -13.51 -7.92
CA ILE B 38 -13.18 -14.43 -9.00
C ILE B 38 -13.45 -13.84 -10.39
N ASP B 39 -12.58 -14.19 -11.34
CA ASP B 39 -12.64 -13.72 -12.73
C ASP B 39 -13.96 -14.16 -13.42
N GLU B 40 -14.60 -13.23 -14.13
CA GLU B 40 -15.85 -13.50 -14.84
C GLU B 40 -15.86 -14.84 -15.60
N TYR B 41 -14.85 -15.05 -16.45
CA TYR B 41 -14.72 -16.27 -17.23
C TYR B 41 -14.38 -17.43 -16.28
N VAL B 42 -13.34 -17.25 -15.46
CA VAL B 42 -12.92 -18.30 -14.51
C VAL B 42 -14.10 -18.84 -13.70
N ASN B 43 -15.07 -17.97 -13.40
CA ASN B 43 -16.25 -18.38 -12.66
C ASN B 43 -17.09 -19.37 -13.49
N GLN B 44 -17.12 -19.17 -14.80
CA GLN B 44 -17.86 -20.05 -15.70
C GLN B 44 -17.25 -21.43 -15.65
N TYR B 45 -15.93 -21.45 -15.79
CA TYR B 45 -15.16 -22.69 -15.77
C TYR B 45 -15.19 -23.43 -14.44
N PHE B 46 -15.10 -22.72 -13.31
CA PHE B 46 -15.04 -23.43 -12.03
C PHE B 46 -15.96 -23.00 -10.89
N ALA B 47 -17.08 -22.35 -11.22
CA ALA B 47 -18.01 -21.89 -10.19
C ALA B 47 -18.33 -23.01 -9.21
N ASN B 48 -18.35 -24.23 -9.74
CA ASN B 48 -18.66 -25.42 -8.95
C ASN B 48 -17.56 -25.86 -7.99
N LYS B 49 -16.31 -25.83 -8.42
CA LYS B 49 -15.23 -26.23 -7.52
C LYS B 49 -15.29 -25.41 -6.24
N PHE B 50 -16.05 -24.31 -6.25
CA PHE B 50 -16.16 -23.44 -5.08
C PHE B 50 -17.48 -23.51 -4.31
N ASP B 51 -18.55 -23.97 -4.97
CA ASP B 51 -19.86 -24.10 -4.33
C ASP B 51 -19.81 -25.19 -3.24
N ASN B 58 -20.40 -16.72 5.43
CA ASN B 58 -19.32 -15.76 5.62
C ASN B 58 -18.50 -15.58 4.34
N VAL B 59 -18.68 -16.47 3.37
CA VAL B 59 -17.95 -16.39 2.11
C VAL B 59 -18.80 -15.78 1.00
N HIS B 60 -18.29 -14.71 0.38
CA HIS B 60 -19.02 -14.01 -0.68
C HIS B 60 -18.26 -14.00 -2.01
N LYS B 61 -18.97 -14.32 -3.08
CA LYS B 61 -18.35 -14.31 -4.39
C LYS B 61 -18.55 -12.97 -5.05
N VAL B 62 -17.44 -12.32 -5.40
CA VAL B 62 -17.49 -11.04 -6.08
C VAL B 62 -16.96 -11.33 -7.49
N ILE B 63 -17.85 -11.27 -8.48
CA ILE B 63 -17.44 -11.52 -9.86
C ILE B 63 -16.95 -10.23 -10.46
N ILE B 64 -15.70 -10.25 -10.90
CA ILE B 64 -15.05 -9.09 -11.48
C ILE B 64 -14.81 -9.31 -12.97
N PRO B 65 -14.51 -8.24 -13.72
CA PRO B 65 -14.25 -8.35 -15.17
C PRO B 65 -13.19 -9.39 -15.53
N ALA B 66 -13.17 -9.81 -16.79
CA ALA B 66 -12.22 -10.81 -17.26
C ALA B 66 -10.86 -10.24 -17.60
N GLY B 67 -9.83 -10.81 -16.99
CA GLY B 67 -8.48 -10.37 -17.25
C GLY B 67 -8.20 -8.91 -16.97
N GLU B 68 -7.42 -8.31 -17.86
CA GLU B 68 -7.02 -6.91 -17.73
C GLU B 68 -8.17 -5.91 -17.61
N LYS B 69 -9.39 -6.35 -17.90
CA LYS B 69 -10.54 -5.45 -17.84
C LYS B 69 -10.87 -5.00 -16.42
N THR B 70 -10.45 -5.78 -15.43
CA THR B 70 -10.74 -5.46 -14.04
C THR B 70 -9.72 -4.55 -13.38
N LYS B 71 -8.52 -4.48 -13.94
CA LYS B 71 -7.49 -3.63 -13.37
C LYS B 71 -7.60 -2.17 -13.73
N THR B 72 -8.75 -1.57 -13.39
CA THR B 72 -8.97 -0.15 -13.65
C THR B 72 -9.31 0.53 -12.33
N PHE B 73 -9.11 1.84 -12.31
CA PHE B 73 -9.38 2.65 -11.12
C PHE B 73 -10.88 2.64 -10.83
N GLU B 74 -11.66 2.61 -11.92
CA GLU B 74 -13.12 2.59 -11.84
C GLU B 74 -13.56 1.34 -11.10
N GLN B 75 -13.09 0.19 -11.58
CA GLN B 75 -13.43 -1.08 -10.98
C GLN B 75 -12.86 -1.18 -9.57
N TYR B 76 -11.76 -0.46 -9.33
CA TYR B 76 -11.12 -0.44 -8.01
C TYR B 76 -12.08 0.18 -7.00
N GLN B 77 -12.64 1.33 -7.34
CA GLN B 77 -13.57 2.04 -6.45
C GLN B 77 -14.85 1.24 -6.22
N GLU B 78 -15.40 0.68 -7.28
CA GLU B 78 -16.63 -0.08 -7.16
C GLU B 78 -16.55 -1.29 -6.24
N THR B 79 -15.49 -2.08 -6.40
CA THR B 79 -15.33 -3.28 -5.59
C THR B 79 -15.06 -2.98 -4.13
N LEU B 80 -14.24 -1.97 -3.86
CA LEU B 80 -13.93 -1.57 -2.48
C LEU B 80 -15.23 -1.13 -1.82
N GLU B 81 -15.99 -0.30 -2.53
CA GLU B 81 -17.26 0.20 -2.02
C GLU B 81 -18.23 -0.96 -1.76
N TYR B 82 -18.40 -1.82 -2.76
CA TYR B 82 -19.28 -2.97 -2.63
C TYR B 82 -18.92 -3.84 -1.45
N ILE B 83 -17.62 -4.03 -1.22
CA ILE B 83 -17.18 -4.87 -0.11
C ILE B 83 -17.36 -4.15 1.24
N LEU B 84 -17.05 -2.86 1.26
CA LEU B 84 -17.19 -2.07 2.48
C LEU B 84 -18.63 -2.03 2.96
N SER B 85 -19.58 -2.06 2.02
CA SER B 85 -21.00 -2.04 2.32
C SER B 85 -21.40 -3.23 3.17
N HIS B 86 -20.63 -4.31 3.07
CA HIS B 86 -20.90 -5.51 3.86
C HIS B 86 -20.40 -5.38 5.30
N HIS B 87 -20.19 -4.16 5.77
CA HIS B 87 -19.70 -3.95 7.14
C HIS B 87 -18.66 -5.01 7.51
N VAL B 88 -17.49 -4.91 6.88
CA VAL B 88 -16.41 -5.85 7.10
C VAL B 88 -15.53 -5.43 8.27
N THR B 89 -14.55 -6.27 8.62
CA THR B 89 -13.62 -5.98 9.70
C THR B 89 -12.19 -6.15 9.20
N ARG B 90 -11.22 -5.92 10.08
CA ARG B 90 -9.80 -6.03 9.71
C ARG B 90 -9.36 -7.49 9.63
N ASN B 91 -10.25 -8.39 10.04
CA ASN B 91 -9.95 -9.83 10.02
C ASN B 91 -10.75 -10.47 8.89
N THR B 92 -10.81 -9.77 7.76
CA THR B 92 -11.52 -10.22 6.57
C THR B 92 -10.47 -10.63 5.55
N ALA B 93 -10.76 -11.65 4.75
CA ALA B 93 -9.81 -12.08 3.74
C ALA B 93 -10.36 -11.87 2.35
N ILE B 94 -9.45 -11.65 1.42
CA ILE B 94 -9.79 -11.44 0.03
C ILE B 94 -9.13 -12.63 -0.63
N ILE B 95 -9.95 -13.52 -1.17
CA ILE B 95 -9.40 -14.67 -1.84
C ILE B 95 -9.50 -14.37 -3.32
N ALA B 96 -8.34 -14.33 -3.95
CA ALA B 96 -8.25 -14.04 -5.39
C ALA B 96 -8.24 -15.31 -6.22
N VAL B 97 -9.36 -15.59 -6.87
CA VAL B 97 -9.47 -16.77 -7.70
C VAL B 97 -9.32 -16.40 -9.17
N GLY B 98 -8.15 -16.66 -9.75
CA GLY B 98 -7.97 -16.30 -11.14
C GLY B 98 -6.53 -16.13 -11.58
N GLY B 99 -6.34 -15.50 -12.74
CA GLY B 99 -5.01 -15.28 -13.27
C GLY B 99 -4.21 -14.21 -12.53
N GLY B 100 -3.33 -13.53 -13.26
CA GLY B 100 -2.52 -12.49 -12.65
C GLY B 100 -3.23 -11.16 -12.58
N ALA B 101 -4.18 -10.95 -13.50
CA ALA B 101 -4.95 -9.72 -13.54
C ALA B 101 -5.93 -9.64 -12.36
N THR B 102 -6.51 -10.78 -11.98
CA THR B 102 -7.44 -10.77 -10.87
C THR B 102 -6.65 -10.73 -9.56
N GLY B 103 -5.50 -11.40 -9.54
CA GLY B 103 -4.65 -11.40 -8.36
C GLY B 103 -4.05 -10.04 -8.02
N ASP B 104 -3.63 -9.30 -9.04
CA ASP B 104 -3.07 -7.96 -8.86
C ASP B 104 -4.15 -7.02 -8.36
N PHE B 105 -5.32 -7.11 -8.98
CA PHE B 105 -6.45 -6.29 -8.62
C PHE B 105 -6.99 -6.64 -7.22
N ALA B 106 -7.44 -7.88 -7.03
CA ALA B 106 -7.96 -8.31 -5.73
C ALA B 106 -6.92 -8.04 -4.65
N GLY B 107 -5.65 -8.21 -5.00
CA GLY B 107 -4.56 -7.99 -4.06
C GLY B 107 -4.44 -6.54 -3.62
N PHE B 108 -4.72 -5.62 -4.54
CA PHE B 108 -4.67 -4.17 -4.26
C PHE B 108 -5.89 -3.75 -3.42
N VAL B 109 -6.97 -4.51 -3.52
CA VAL B 109 -8.15 -4.23 -2.72
C VAL B 109 -7.80 -4.67 -1.29
N ALA B 110 -7.38 -5.92 -1.13
CA ALA B 110 -7.01 -6.44 0.18
C ALA B 110 -5.87 -5.64 0.82
N ALA B 111 -5.03 -5.04 -0.01
CA ALA B 111 -3.91 -4.26 0.50
C ALA B 111 -4.32 -2.92 1.06
N THR B 112 -5.36 -2.33 0.50
CA THR B 112 -5.80 -1.02 0.95
C THR B 112 -7.09 -0.98 1.75
N LEU B 113 -7.89 -2.03 1.66
CA LEU B 113 -9.15 -2.10 2.41
C LEU B 113 -8.78 -2.04 3.90
N LEU B 114 -9.25 -1.01 4.59
CA LEU B 114 -8.96 -0.83 6.02
C LEU B 114 -7.45 -0.83 6.25
N ARG B 115 -6.69 -0.36 5.26
CA ARG B 115 -5.22 -0.32 5.34
C ARG B 115 -4.56 -1.69 5.21
N GLY B 116 -5.35 -2.69 4.82
CA GLY B 116 -4.83 -4.03 4.64
C GLY B 116 -5.53 -5.11 5.43
N VAL B 117 -6.15 -6.06 4.73
CA VAL B 117 -6.83 -7.19 5.36
C VAL B 117 -6.08 -8.48 4.97
N HIS B 118 -6.67 -9.64 5.21
CA HIS B 118 -6.03 -10.93 4.86
C HIS B 118 -6.16 -11.22 3.39
N PHE B 119 -5.17 -11.89 2.82
CA PHE B 119 -5.17 -12.09 1.38
C PHE B 119 -4.72 -13.46 0.92
N ILE B 120 -5.65 -14.20 0.32
CA ILE B 120 -5.31 -15.51 -0.19
C ILE B 120 -5.28 -15.53 -1.71
N GLN B 121 -4.12 -15.91 -2.24
CA GLN B 121 -3.89 -16.02 -3.66
C GLN B 121 -4.26 -17.41 -4.14
N VAL B 122 -5.16 -17.45 -5.10
CA VAL B 122 -5.60 -18.70 -5.70
C VAL B 122 -5.40 -18.57 -7.22
N PRO B 123 -4.13 -18.66 -7.68
CA PRO B 123 -3.75 -18.56 -9.09
C PRO B 123 -4.26 -19.75 -9.90
N THR B 124 -4.67 -19.47 -11.14
CA THR B 124 -5.21 -20.51 -12.00
C THR B 124 -4.57 -20.60 -13.39
N THR B 125 -3.56 -19.78 -13.66
CA THR B 125 -2.87 -19.82 -14.95
C THR B 125 -1.37 -20.13 -14.78
N ILE B 126 -0.71 -20.46 -15.87
CA ILE B 126 0.72 -20.75 -15.83
C ILE B 126 1.49 -19.47 -15.44
N LEU B 127 1.10 -18.36 -16.05
CA LEU B 127 1.72 -17.06 -15.80
C LEU B 127 1.50 -16.59 -14.35
N ALA B 128 0.59 -17.24 -13.64
CA ALA B 128 0.32 -16.85 -12.27
C ALA B 128 1.32 -17.46 -11.30
N HIS B 129 2.23 -18.30 -11.79
CA HIS B 129 3.23 -18.90 -10.91
C HIS B 129 4.19 -17.77 -10.55
N ASP B 130 4.25 -16.80 -11.45
CA ASP B 130 5.10 -15.62 -11.29
C ASP B 130 4.37 -14.56 -10.45
N SER B 131 3.27 -14.05 -10.99
CA SER B 131 2.46 -13.02 -10.35
C SER B 131 1.92 -13.25 -8.93
N SER B 132 1.60 -14.49 -8.59
CA SER B 132 1.08 -14.77 -7.25
C SER B 132 2.18 -14.68 -6.20
N VAL B 133 3.43 -14.76 -6.64
CA VAL B 133 4.60 -14.73 -5.76
C VAL B 133 5.34 -13.39 -5.76
N GLY B 134 5.58 -12.85 -4.56
CA GLY B 134 6.32 -11.59 -4.49
C GLY B 134 5.62 -10.37 -3.95
N GLY B 135 4.30 -10.42 -3.81
CA GLY B 135 3.57 -9.28 -3.28
C GLY B 135 3.25 -8.08 -4.17
N LYS B 136 3.67 -8.07 -5.44
CA LYS B 136 3.33 -6.92 -6.31
C LYS B 136 1.87 -7.03 -6.68
N VAL B 137 1.14 -5.96 -6.45
CA VAL B 137 -0.27 -5.93 -6.76
C VAL B 137 -0.55 -4.52 -7.27
N GLY B 138 -1.68 -4.32 -7.94
CA GLY B 138 -1.95 -2.97 -8.43
C GLY B 138 -2.89 -2.94 -9.60
N ILE B 139 -3.04 -1.75 -10.18
CA ILE B 139 -3.92 -1.59 -11.32
C ILE B 139 -3.20 -0.73 -12.34
N ASN B 140 -3.87 -0.55 -13.48
CA ASN B 140 -3.33 0.24 -14.56
C ASN B 140 -3.86 1.65 -14.49
N SER B 141 -3.13 2.58 -15.09
CA SER B 141 -3.55 3.97 -15.13
C SER B 141 -3.75 4.32 -16.59
N LYS B 142 -4.54 5.37 -16.86
CA LYS B 142 -4.78 5.80 -18.23
C LYS B 142 -3.44 6.08 -18.90
N GLN B 143 -2.38 6.18 -18.09
CA GLN B 143 -1.04 6.42 -18.58
C GLN B 143 -0.39 5.13 -19.08
N GLY B 144 -0.30 4.14 -18.19
CA GLY B 144 0.32 2.88 -18.59
C GLY B 144 0.00 1.69 -17.69
N LYS B 145 0.73 0.60 -17.90
CA LYS B 145 0.55 -0.62 -17.13
C LYS B 145 1.01 -0.50 -15.68
N ASN B 146 0.33 -1.22 -14.79
CA ASN B 146 0.66 -1.25 -13.37
C ASN B 146 1.43 -0.01 -12.94
N LEU B 147 0.74 1.13 -12.91
CA LEU B 147 1.38 2.38 -12.53
C LEU B 147 0.95 2.77 -11.12
N ILE B 148 -0.08 2.08 -10.66
CA ILE B 148 -0.64 2.31 -9.33
C ILE B 148 -0.74 0.95 -8.67
N GLY B 149 -0.25 0.84 -7.45
CA GLY B 149 -0.29 -0.42 -6.74
C GLY B 149 0.49 -0.41 -5.44
N ALA B 150 0.88 -1.60 -4.98
CA ALA B 150 1.61 -1.72 -3.73
C ALA B 150 2.34 -3.05 -3.62
N PHE B 151 3.11 -3.17 -2.55
CA PHE B 151 3.80 -4.40 -2.25
C PHE B 151 2.98 -4.88 -1.06
N TYR B 152 2.46 -6.10 -1.14
CA TYR B 152 1.63 -6.65 -0.07
C TYR B 152 1.69 -8.19 -0.07
N ARG B 153 2.36 -8.74 0.94
CA ARG B 153 2.52 -10.18 1.09
C ARG B 153 1.20 -10.88 1.39
N PRO B 154 0.86 -11.92 0.60
CA PRO B 154 -0.39 -12.63 0.85
C PRO B 154 -0.26 -13.47 2.09
N THR B 155 -1.39 -13.88 2.65
CA THR B 155 -1.37 -14.73 3.83
C THR B 155 -0.91 -16.10 3.36
N ALA B 156 -1.22 -16.42 2.11
CA ALA B 156 -0.83 -17.70 1.53
C ALA B 156 -1.05 -17.72 0.02
N VAL B 157 -0.36 -18.64 -0.65
CA VAL B 157 -0.50 -18.81 -2.09
C VAL B 157 -0.92 -20.25 -2.27
N ILE B 158 -2.12 -20.47 -2.82
CA ILE B 158 -2.61 -21.82 -3.04
C ILE B 158 -2.78 -22.06 -4.55
N TYR B 159 -1.76 -22.70 -5.12
CA TYR B 159 -1.68 -22.97 -6.54
C TYR B 159 -2.04 -24.41 -6.90
N ASP B 160 -3.29 -24.65 -7.32
CA ASP B 160 -3.75 -25.99 -7.70
C ASP B 160 -3.55 -26.21 -9.20
N LEU B 161 -2.56 -27.01 -9.56
CA LEU B 161 -2.23 -27.28 -10.95
C LEU B 161 -3.34 -27.86 -11.81
N ASP B 162 -4.45 -28.25 -11.20
CA ASP B 162 -5.57 -28.79 -11.97
C ASP B 162 -6.25 -27.69 -12.78
N PHE B 163 -6.14 -26.45 -12.29
CA PHE B 163 -6.72 -25.28 -12.94
C PHE B 163 -6.15 -25.06 -14.33
N LEU B 164 -4.93 -25.55 -14.55
CA LEU B 164 -4.24 -25.37 -15.82
C LEU B 164 -4.81 -26.17 -16.99
N LYS B 165 -5.53 -27.25 -16.70
CA LYS B 165 -6.11 -28.12 -17.73
C LYS B 165 -7.02 -27.43 -18.77
N THR B 166 -7.68 -26.35 -18.37
CA THR B 166 -8.60 -25.63 -19.25
C THR B 166 -8.01 -24.41 -19.95
N LEU B 167 -6.70 -24.26 -19.89
CA LEU B 167 -6.03 -23.12 -20.50
C LEU B 167 -5.83 -23.26 -22.00
N PRO B 168 -6.44 -22.37 -22.80
CA PRO B 168 -6.25 -22.49 -24.25
C PRO B 168 -4.77 -22.39 -24.50
N PHE B 169 -4.33 -22.76 -25.70
CA PHE B 169 -2.91 -22.70 -26.02
C PHE B 169 -2.40 -21.29 -25.93
N LYS B 170 -3.26 -20.32 -26.21
CA LYS B 170 -2.91 -18.91 -26.18
C LYS B 170 -2.39 -18.53 -24.81
N GLN B 171 -3.04 -19.05 -23.78
CA GLN B 171 -2.64 -18.76 -22.40
C GLN B 171 -1.48 -19.63 -22.01
N ILE B 172 -1.36 -20.79 -22.63
CA ILE B 172 -0.23 -21.62 -22.29
C ILE B 172 1.00 -20.86 -22.79
N LEU B 173 1.00 -20.49 -24.07
CA LEU B 173 2.13 -19.75 -24.62
C LEU B 173 2.44 -18.53 -23.79
N SER B 174 1.42 -17.71 -23.57
CA SER B 174 1.57 -16.50 -22.77
C SER B 174 2.24 -16.77 -21.43
N GLY B 175 1.79 -17.82 -20.76
CA GLY B 175 2.37 -18.16 -19.48
C GLY B 175 3.75 -18.76 -19.57
N TYR B 176 4.00 -19.53 -20.61
CA TYR B 176 5.30 -20.16 -20.77
C TYR B 176 6.47 -19.16 -20.81
N ALA B 177 6.20 -17.95 -21.30
CA ALA B 177 7.24 -16.93 -21.40
C ALA B 177 7.91 -16.60 -20.06
N GLU B 178 7.15 -16.67 -18.98
CA GLU B 178 7.69 -16.37 -17.64
C GLU B 178 8.43 -17.58 -17.10
N VAL B 179 7.88 -18.77 -17.35
CA VAL B 179 8.54 -19.99 -16.92
C VAL B 179 9.91 -20.02 -17.59
N TYR B 180 9.93 -19.61 -18.86
CA TYR B 180 11.16 -19.57 -19.63
C TYR B 180 12.09 -18.44 -19.18
N LYS B 181 11.51 -17.29 -18.84
CA LYS B 181 12.32 -16.16 -18.38
C LYS B 181 13.12 -16.62 -17.17
N HIS B 182 12.44 -17.25 -16.21
CA HIS B 182 13.07 -17.74 -15.00
C HIS B 182 14.11 -18.77 -15.30
N ALA B 183 13.87 -19.59 -16.32
CA ALA B 183 14.85 -20.59 -16.74
C ALA B 183 16.06 -19.82 -17.23
N LEU B 184 15.82 -18.79 -18.05
CA LEU B 184 16.89 -17.97 -18.56
C LEU B 184 17.69 -17.37 -17.40
N LEU B 185 16.97 -16.81 -16.44
CA LEU B 185 17.59 -16.19 -15.29
C LEU B 185 18.29 -17.22 -14.40
N ASN B 186 17.72 -18.42 -14.34
CA ASN B 186 18.28 -19.48 -13.53
C ASN B 186 19.59 -20.05 -14.08
N GLY B 187 19.95 -19.69 -15.31
CA GLY B 187 21.19 -20.20 -15.87
C GLY B 187 21.12 -20.95 -17.20
N GLU B 188 22.28 -21.23 -17.78
CA GLU B 188 22.37 -21.92 -19.06
C GLU B 188 21.90 -23.36 -19.01
N SER B 189 22.28 -24.06 -17.96
CA SER B 189 21.90 -25.46 -17.80
C SER B 189 20.40 -25.66 -17.58
N ALA B 190 19.74 -24.66 -17.02
CA ALA B 190 18.30 -24.76 -16.80
C ALA B 190 17.55 -24.41 -18.08
N THR B 191 18.15 -23.53 -18.89
CA THR B 191 17.56 -23.09 -20.15
C THR B 191 17.66 -24.18 -21.21
N GLN B 192 18.83 -24.76 -21.37
CA GLN B 192 18.96 -25.81 -22.35
C GLN B 192 18.15 -26.98 -21.85
N ASP B 193 17.95 -27.04 -20.54
CA ASP B 193 17.17 -28.12 -19.95
C ASP B 193 15.70 -27.99 -20.31
N ILE B 194 15.14 -26.79 -20.14
CA ILE B 194 13.73 -26.56 -20.46
C ILE B 194 13.51 -26.60 -21.97
N GLU B 195 14.48 -26.08 -22.75
CA GLU B 195 14.39 -26.06 -24.22
C GLU B 195 14.33 -27.45 -24.81
N GLN B 196 15.07 -28.38 -24.21
CA GLN B 196 15.12 -29.75 -24.68
C GLN B 196 13.85 -30.49 -24.38
N HIS B 197 13.23 -30.16 -23.25
CA HIS B 197 11.98 -30.80 -22.85
C HIS B 197 10.85 -30.23 -23.70
N PHE B 198 10.60 -28.93 -23.54
CA PHE B 198 9.56 -28.26 -24.30
C PHE B 198 10.20 -27.80 -25.61
N LYS B 199 10.41 -28.76 -26.51
CA LYS B 199 11.04 -28.51 -27.81
C LYS B 199 10.09 -28.08 -28.92
N ASP B 200 8.80 -28.38 -28.76
CA ASP B 200 7.80 -28.00 -29.76
C ASP B 200 6.40 -27.73 -29.19
N ARG B 201 5.53 -27.18 -30.02
CA ARG B 201 4.16 -26.85 -29.64
C ARG B 201 3.39 -28.01 -29.02
N GLU B 202 3.52 -29.18 -29.63
CA GLU B 202 2.79 -30.36 -29.14
C GLU B 202 3.07 -30.68 -27.68
N ILE B 203 4.33 -30.74 -27.31
CA ILE B 203 4.72 -31.06 -25.95
C ILE B 203 4.30 -29.94 -24.99
N LEU B 204 4.41 -28.69 -25.45
CA LEU B 204 4.04 -27.55 -24.62
C LEU B 204 2.53 -27.61 -24.37
N GLN B 205 1.76 -27.65 -25.46
CA GLN B 205 0.31 -27.69 -25.36
C GLN B 205 -0.21 -28.82 -24.47
N SER B 206 0.61 -29.86 -24.31
CA SER B 206 0.23 -31.01 -23.50
C SER B 206 0.54 -30.81 -22.02
N LEU B 207 1.36 -29.81 -21.74
CA LEU B 207 1.75 -29.47 -20.38
C LEU B 207 2.47 -30.59 -19.61
N ASN B 208 2.92 -31.62 -20.30
CA ASN B 208 3.65 -32.72 -19.67
C ASN B 208 4.95 -32.20 -19.10
N GLY B 209 5.10 -32.25 -17.79
CA GLY B 209 6.33 -31.80 -17.16
C GLY B 209 6.37 -30.35 -16.75
N MET B 210 5.29 -29.61 -17.05
CA MET B 210 5.21 -28.20 -16.71
C MET B 210 5.28 -28.03 -15.20
N ASP B 211 4.77 -29.03 -14.50
CA ASP B 211 4.77 -29.03 -13.04
C ASP B 211 6.16 -28.73 -12.52
N LYS B 212 7.11 -29.55 -12.95
CA LYS B 212 8.50 -29.40 -12.54
C LYS B 212 9.09 -28.04 -12.88
N TYR B 213 8.77 -27.54 -14.07
CA TYR B 213 9.31 -26.26 -14.49
C TYR B 213 8.60 -25.09 -13.85
N ILE B 214 7.33 -25.28 -13.50
CA ILE B 214 6.57 -24.23 -12.82
C ILE B 214 7.17 -24.08 -11.42
N ALA B 215 7.40 -25.20 -10.73
CA ALA B 215 7.97 -25.14 -9.38
C ALA B 215 9.39 -24.59 -9.44
N LYS B 216 10.17 -25.00 -10.45
CA LYS B 216 11.52 -24.50 -10.58
C LYS B 216 11.45 -22.97 -10.71
N GLY B 217 10.44 -22.50 -11.45
CA GLY B 217 10.26 -21.07 -11.67
C GLY B 217 9.95 -20.29 -10.42
N ILE B 218 9.07 -20.83 -9.58
CA ILE B 218 8.71 -20.16 -8.34
C ILE B 218 9.90 -20.08 -7.39
N GLU B 219 10.71 -21.14 -7.37
CA GLU B 219 11.89 -21.19 -6.52
C GLU B 219 12.87 -20.10 -6.93
N THR B 220 13.08 -19.97 -8.24
CA THR B 220 14.00 -18.96 -8.77
C THR B 220 13.54 -17.58 -8.35
N LYS B 221 12.25 -17.32 -8.52
CA LYS B 221 11.69 -16.04 -8.14
C LYS B 221 11.69 -15.87 -6.63
N LEU B 222 11.39 -16.95 -5.91
CA LEU B 222 11.38 -16.88 -4.45
C LEU B 222 12.75 -16.51 -3.90
N ASP B 223 13.81 -16.81 -4.64
CA ASP B 223 15.16 -16.45 -4.21
C ASP B 223 15.35 -14.97 -4.33
N ILE B 224 15.05 -14.45 -5.52
CA ILE B 224 15.20 -13.04 -5.82
C ILE B 224 14.29 -12.10 -5.03
N VAL B 225 13.01 -12.42 -4.87
CA VAL B 225 12.13 -11.51 -4.12
C VAL B 225 12.26 -11.62 -2.61
N VAL B 226 12.90 -12.67 -2.12
CA VAL B 226 13.12 -12.74 -0.69
C VAL B 226 14.47 -12.01 -0.46
N ALA B 227 15.29 -11.97 -1.51
CA ALA B 227 16.58 -11.30 -1.47
C ALA B 227 16.46 -9.79 -1.71
N ASP B 228 15.54 -9.40 -2.59
CA ASP B 228 15.30 -8.00 -2.92
C ASP B 228 13.79 -7.70 -3.15
N GLU B 229 13.02 -7.78 -2.05
CA GLU B 229 11.56 -7.60 -2.07
C GLU B 229 11.00 -6.40 -2.82
N LYS B 230 11.56 -5.21 -2.54
CA LYS B 230 11.13 -3.95 -3.13
C LYS B 230 11.80 -3.52 -4.45
N GLU B 231 12.37 -4.46 -5.20
CA GLU B 231 13.03 -4.15 -6.47
C GLU B 231 14.09 -3.06 -6.36
N GLN B 232 14.92 -3.14 -5.32
CA GLN B 232 15.99 -2.16 -5.12
C GLN B 232 17.33 -2.71 -5.62
N GLY B 233 17.31 -3.93 -6.14
CA GLY B 233 18.52 -4.53 -6.65
C GLY B 233 18.30 -5.68 -7.63
N VAL B 234 18.54 -6.90 -7.16
CA VAL B 234 18.39 -8.09 -7.99
C VAL B 234 16.96 -8.41 -8.44
N ARG B 235 15.95 -7.84 -7.79
CA ARG B 235 14.60 -8.14 -8.22
C ARG B 235 14.37 -7.49 -9.57
N LYS B 236 15.27 -6.59 -9.94
CA LYS B 236 15.18 -5.90 -11.22
C LYS B 236 15.46 -6.87 -12.36
N PHE B 237 16.08 -8.01 -12.06
CA PHE B 237 16.38 -8.97 -13.09
C PHE B 237 15.11 -9.64 -13.57
N LEU B 238 14.09 -9.65 -12.72
CA LEU B 238 12.86 -10.29 -13.10
C LEU B 238 12.20 -9.54 -14.25
N ASN B 239 12.68 -8.34 -14.52
CA ASN B 239 12.12 -7.55 -15.60
C ASN B 239 12.77 -7.87 -16.94
N LEU B 240 13.44 -9.01 -17.03
CA LEU B 240 14.09 -9.40 -18.28
C LEU B 240 13.05 -9.42 -19.40
N GLY B 241 13.31 -8.62 -20.43
CA GLY B 241 12.41 -8.57 -21.58
C GLY B 241 11.13 -7.78 -21.43
N HIS B 242 10.87 -7.24 -20.25
CA HIS B 242 9.64 -6.47 -20.07
C HIS B 242 9.71 -5.03 -20.55
N THR B 243 10.93 -4.52 -20.67
CA THR B 243 11.16 -3.16 -21.13
C THR B 243 10.45 -2.99 -22.47
N PHE B 244 10.91 -3.76 -23.45
CA PHE B 244 10.37 -3.74 -24.81
C PHE B 244 9.04 -4.48 -24.83
N GLY B 245 8.89 -5.44 -23.93
CA GLY B 245 7.67 -6.21 -23.85
C GLY B 245 6.48 -5.37 -23.44
N HIS B 246 6.59 -4.70 -22.29
CA HIS B 246 5.53 -3.85 -21.76
C HIS B 246 5.02 -2.83 -22.79
N ALA B 247 5.91 -2.36 -23.65
CA ALA B 247 5.55 -1.41 -24.71
C ALA B 247 4.72 -2.18 -25.74
N VAL B 248 5.39 -3.05 -26.49
CA VAL B 248 4.79 -3.89 -27.52
C VAL B 248 3.37 -4.36 -27.16
N GLU B 249 3.21 -4.78 -25.92
CA GLU B 249 1.92 -5.25 -25.42
C GLU B 249 0.88 -4.14 -25.53
N TYR B 250 1.19 -2.98 -24.96
CA TYR B 250 0.28 -1.84 -24.96
C TYR B 250 -0.10 -1.28 -26.33
N TYR B 251 0.65 -1.61 -27.38
CA TYR B 251 0.34 -1.12 -28.73
C TYR B 251 -0.29 -2.15 -29.64
N HIS B 252 -0.05 -3.43 -29.37
CA HIS B 252 -0.59 -4.49 -30.21
C HIS B 252 -1.51 -5.38 -29.37
N LYS B 253 -1.64 -5.00 -28.11
CA LYS B 253 -2.46 -5.70 -27.13
C LYS B 253 -2.46 -7.23 -27.21
N ILE B 254 -1.28 -7.79 -27.48
CA ILE B 254 -1.14 -9.24 -27.55
C ILE B 254 -1.04 -9.72 -26.09
N PRO B 255 -1.07 -11.04 -25.88
CA PRO B 255 -0.97 -11.56 -24.51
C PRO B 255 0.34 -11.12 -23.85
N HIS B 256 0.31 -11.02 -22.52
CA HIS B 256 1.48 -10.60 -21.75
C HIS B 256 2.75 -11.40 -22.11
N GLY B 257 2.69 -12.71 -21.90
CA GLY B 257 3.81 -13.57 -22.21
C GLY B 257 4.27 -13.45 -23.65
N HIS B 258 3.33 -13.30 -24.58
CA HIS B 258 3.69 -13.16 -25.98
C HIS B 258 4.68 -12.01 -26.14
N ALA B 259 4.36 -10.91 -25.48
CA ALA B 259 5.19 -9.70 -25.53
C ALA B 259 6.56 -9.92 -24.87
N VAL B 260 6.54 -10.54 -23.69
CA VAL B 260 7.76 -10.83 -22.95
C VAL B 260 8.73 -11.59 -23.84
N MET B 261 8.24 -12.57 -24.60
CA MET B 261 9.12 -13.33 -25.48
C MET B 261 9.71 -12.40 -26.52
N VAL B 262 8.85 -11.55 -27.10
CA VAL B 262 9.29 -10.60 -28.11
C VAL B 262 10.33 -9.67 -27.52
N GLY B 263 10.15 -9.37 -26.23
CA GLY B 263 11.08 -8.51 -25.52
C GLY B 263 12.35 -9.28 -25.21
N ILE B 264 12.22 -10.57 -24.89
CA ILE B 264 13.39 -11.41 -24.57
C ILE B 264 14.33 -11.48 -25.77
N ILE B 265 13.75 -11.56 -26.97
CA ILE B 265 14.56 -11.60 -28.18
C ILE B 265 15.24 -10.24 -28.26
N TYR B 266 14.42 -9.19 -28.27
CA TYR B 266 14.90 -7.81 -28.34
C TYR B 266 16.11 -7.59 -27.46
N GLN B 267 15.97 -7.97 -26.20
CA GLN B 267 17.04 -7.83 -25.22
C GLN B 267 18.35 -8.50 -25.66
N PHE B 268 18.26 -9.71 -26.23
CA PHE B 268 19.44 -10.43 -26.71
C PHE B 268 20.11 -9.69 -27.85
N ILE B 269 19.29 -9.04 -28.69
CA ILE B 269 19.79 -8.27 -29.83
C ILE B 269 20.52 -7.02 -29.34
N VAL B 270 20.03 -6.44 -28.25
CA VAL B 270 20.62 -5.24 -27.66
C VAL B 270 21.93 -5.59 -26.95
N ALA B 271 21.94 -6.69 -26.21
CA ALA B 271 23.13 -7.12 -25.49
C ALA B 271 24.24 -7.30 -26.51
N ASN B 272 23.90 -7.86 -27.66
CA ASN B 272 24.87 -8.09 -28.73
C ASN B 272 25.47 -6.77 -29.22
N ALA B 273 24.66 -5.73 -29.31
CA ALA B 273 25.13 -4.42 -29.77
C ALA B 273 26.16 -3.85 -28.81
N LEU B 274 25.78 -3.74 -27.53
CA LEU B 274 26.65 -3.18 -26.51
C LEU B 274 27.84 -4.05 -26.17
N PHE B 275 27.60 -5.19 -25.53
CA PHE B 275 28.68 -6.08 -25.14
C PHE B 275 29.12 -7.14 -26.14
N ASP B 276 28.48 -7.19 -27.31
CA ASP B 276 28.81 -8.22 -28.34
C ASP B 276 28.81 -9.64 -27.73
N SER B 277 27.71 -9.98 -27.07
CA SER B 277 27.55 -11.27 -26.38
C SER B 277 27.61 -12.52 -27.26
N LYS B 278 27.37 -12.35 -28.56
CA LYS B 278 27.36 -13.47 -29.50
C LYS B 278 26.16 -14.40 -29.18
N HIS B 279 24.97 -13.80 -29.10
CA HIS B 279 23.72 -14.52 -28.83
C HIS B 279 23.12 -15.00 -30.15
N ASP B 280 22.91 -16.30 -30.27
CA ASP B 280 22.33 -16.82 -31.50
C ASP B 280 20.88 -16.37 -31.54
N ILE B 281 20.64 -15.21 -32.13
CA ILE B 281 19.29 -14.68 -32.24
C ILE B 281 18.49 -15.65 -33.10
N SER B 282 19.13 -16.18 -34.14
CA SER B 282 18.47 -17.12 -35.03
C SER B 282 18.05 -18.35 -34.22
N HIS B 283 18.74 -18.65 -33.12
CA HIS B 283 18.39 -19.80 -32.29
C HIS B 283 17.12 -19.55 -31.49
N TYR B 284 17.05 -18.39 -30.85
CA TYR B 284 15.88 -18.07 -30.04
C TYR B 284 14.63 -17.87 -30.92
N ILE B 285 14.82 -17.24 -32.08
CA ILE B 285 13.71 -17.05 -33.01
C ILE B 285 13.07 -18.36 -33.43
N GLN B 286 13.90 -19.35 -33.77
CA GLN B 286 13.39 -20.66 -34.19
C GLN B 286 12.75 -21.39 -33.01
N TYR B 287 13.26 -21.16 -31.81
CA TYR B 287 12.66 -21.82 -30.65
C TYR B 287 11.21 -21.33 -30.52
N LEU B 288 11.01 -20.03 -30.77
CA LEU B 288 9.69 -19.40 -30.69
C LEU B 288 8.77 -19.97 -31.76
N ILE B 289 9.34 -20.20 -32.93
CA ILE B 289 8.61 -20.73 -34.07
C ILE B 289 8.16 -22.15 -33.81
N GLN B 290 9.01 -22.94 -33.15
CA GLN B 290 8.71 -24.32 -32.83
C GLN B 290 7.68 -24.48 -31.73
N LEU B 291 7.55 -23.46 -30.90
CA LEU B 291 6.59 -23.50 -29.81
C LEU B 291 5.22 -23.04 -30.25
N GLY B 292 5.15 -22.40 -31.42
CA GLY B 292 3.88 -21.93 -31.93
C GLY B 292 3.55 -20.48 -31.59
N TYR B 293 4.56 -19.67 -31.30
CA TYR B 293 4.30 -18.27 -30.99
C TYR B 293 3.96 -17.50 -32.25
N PRO B 294 2.79 -16.85 -32.28
CA PRO B 294 2.45 -16.10 -33.49
C PRO B 294 3.50 -15.00 -33.68
N LEU B 295 4.23 -15.04 -34.79
CA LEU B 295 5.28 -14.04 -35.03
C LEU B 295 4.96 -12.99 -36.09
N ASP B 296 3.84 -12.28 -35.92
CA ASP B 296 3.46 -11.24 -36.85
C ASP B 296 3.10 -9.97 -36.11
N THR B 305 9.40 3.95 -32.34
CA THR B 305 8.10 4.55 -32.02
C THR B 305 7.71 4.25 -30.58
N LEU B 306 7.81 2.97 -30.20
CA LEU B 306 7.48 2.52 -28.84
C LEU B 306 8.37 3.27 -27.84
N TYR B 307 9.44 3.84 -28.37
CA TYR B 307 10.40 4.61 -27.59
C TYR B 307 9.65 5.45 -26.59
N GLN B 308 8.47 5.92 -26.99
CA GLN B 308 7.64 6.75 -26.13
C GLN B 308 7.16 6.05 -24.88
N TYR B 309 6.59 4.85 -25.03
CA TYR B 309 6.13 4.13 -23.85
C TYR B 309 7.35 3.84 -23.01
N MET B 310 8.43 3.47 -23.69
CA MET B 310 9.70 3.18 -23.02
C MET B 310 10.29 4.50 -22.55
N LEU B 311 9.54 5.21 -21.72
CA LEU B 311 9.93 6.50 -21.19
C LEU B 311 9.44 6.64 -19.76
N GLY B 320 18.59 7.90 -21.40
CA GLY B 320 18.91 6.49 -21.22
C GLY B 320 17.78 5.67 -20.61
N VAL B 321 17.22 4.75 -21.39
CA VAL B 321 16.14 3.87 -20.96
C VAL B 321 16.73 2.67 -20.23
N GLN B 322 16.30 2.42 -18.99
CA GLN B 322 16.79 1.28 -18.20
C GLN B 322 16.54 -0.02 -18.96
N MET B 323 17.25 -1.09 -18.62
CA MET B 323 17.08 -2.38 -19.30
C MET B 323 17.84 -3.52 -18.66
N VAL B 324 17.16 -4.65 -18.44
CA VAL B 324 17.80 -5.83 -17.89
C VAL B 324 18.33 -6.60 -19.10
N LEU B 325 19.64 -6.60 -19.25
CA LEU B 325 20.30 -7.28 -20.36
C LEU B 325 21.13 -8.47 -19.89
N MET B 326 21.02 -9.56 -20.62
CA MET B 326 21.79 -10.74 -20.30
C MET B 326 23.05 -10.63 -21.13
N ARG B 327 24.17 -10.30 -20.48
CA ARG B 327 25.42 -10.20 -21.21
C ARG B 327 25.92 -11.61 -21.49
N GLN B 328 25.62 -12.51 -20.55
CA GLN B 328 25.99 -13.92 -20.64
C GLN B 328 25.23 -14.61 -19.53
N PHE B 329 24.90 -15.88 -19.72
CA PHE B 329 24.19 -16.63 -18.69
C PHE B 329 24.93 -16.48 -17.36
N GLY B 330 24.22 -16.03 -16.32
CA GLY B 330 24.86 -15.85 -15.03
C GLY B 330 25.46 -14.46 -14.89
N ASP B 331 25.39 -13.67 -15.96
CA ASP B 331 25.93 -12.33 -15.96
C ASP B 331 24.86 -11.36 -16.48
N ILE B 332 23.89 -11.05 -15.62
CA ILE B 332 22.82 -10.13 -16.00
C ILE B 332 23.08 -8.71 -15.49
N VAL B 333 22.84 -7.72 -16.35
CA VAL B 333 23.08 -6.33 -15.97
C VAL B 333 21.88 -5.43 -16.18
N VAL B 334 21.83 -4.37 -15.38
CA VAL B 334 20.76 -3.38 -15.50
C VAL B 334 21.49 -2.07 -15.88
N GLN B 335 21.11 -1.47 -16.99
CA GLN B 335 21.76 -0.24 -17.41
C GLN B 335 21.00 0.46 -18.51
N HIS B 336 21.33 1.74 -18.72
CA HIS B 336 20.66 2.55 -19.73
C HIS B 336 21.08 2.19 -21.15
N VAL B 337 20.19 2.49 -22.11
CA VAL B 337 20.46 2.21 -23.51
C VAL B 337 19.91 3.39 -24.33
N ASP B 338 20.68 3.87 -25.30
CA ASP B 338 20.29 5.01 -26.12
C ASP B 338 19.33 4.66 -27.27
N GLN B 339 18.65 5.67 -27.80
CA GLN B 339 17.68 5.42 -28.87
C GLN B 339 18.31 4.78 -30.10
N LEU B 340 19.51 5.21 -30.46
CA LEU B 340 20.20 4.65 -31.63
C LEU B 340 20.44 3.14 -31.51
N THR B 341 20.76 2.68 -30.30
CA THR B 341 20.99 1.26 -30.06
C THR B 341 19.65 0.53 -30.09
N LEU B 342 18.61 1.18 -29.59
CA LEU B 342 17.27 0.61 -29.57
C LEU B 342 16.65 0.71 -30.96
N GLN B 343 17.13 1.69 -31.73
CA GLN B 343 16.67 1.90 -33.09
C GLN B 343 17.29 0.82 -33.96
N HIS B 344 18.54 0.47 -33.68
CA HIS B 344 19.24 -0.55 -34.44
C HIS B 344 18.75 -1.93 -34.04
N ALA B 345 18.44 -2.08 -32.75
CA ALA B 345 17.96 -3.35 -32.19
C ALA B 345 16.60 -3.71 -32.77
N CYS B 346 15.79 -2.70 -33.03
CA CYS B 346 14.47 -2.92 -33.60
C CYS B 346 14.59 -3.25 -35.10
N GLU B 347 15.54 -2.62 -35.78
CA GLU B 347 15.77 -2.88 -37.21
C GLU B 347 16.03 -4.38 -37.33
N GLN B 348 16.99 -4.85 -36.54
CA GLN B 348 17.38 -6.25 -36.51
C GLN B 348 16.22 -7.20 -36.32
N LEU B 349 15.38 -6.91 -35.32
CA LEU B 349 14.24 -7.75 -35.01
C LEU B 349 13.23 -7.81 -36.16
N LYS B 350 13.08 -6.69 -36.88
CA LYS B 350 12.16 -6.60 -38.02
C LYS B 350 12.67 -7.45 -39.17
N THR B 351 13.96 -7.79 -39.12
CA THR B 351 14.57 -8.64 -40.15
C THR B 351 13.75 -9.90 -40.16
N TYR B 352 13.51 -10.39 -38.94
CA TYR B 352 12.75 -11.60 -38.72
C TYR B 352 11.25 -11.33 -38.92
ZN ZN C . -6.83 10.87 16.20
PA NAD D . -6.82 19.38 8.44
O1A NAD D . -5.87 19.03 7.38
O2A NAD D . -8.20 19.45 7.88
O5B NAD D . -6.40 20.81 9.09
C5B NAD D . -7.42 21.57 9.83
C4B NAD D . -7.56 22.92 9.13
O4B NAD D . -6.39 23.73 9.33
C3B NAD D . -7.73 22.90 7.61
O3B NAD D . -8.80 23.79 7.16
C2B NAD D . -6.39 23.39 7.03
O2B NAD D . -6.55 24.00 5.74
C1B NAD D . -5.96 24.36 8.07
N9A NAD D . -4.54 24.58 8.38
C8A NAD D . -3.53 23.64 8.22
N7A NAD D . -2.38 24.11 8.67
C5A NAD D . -2.64 25.41 9.11
C6A NAD D . -1.81 26.42 9.68
N6A NAD D . -0.53 26.26 10.01
N1A NAD D . -2.40 27.67 9.90
C2A NAD D . -3.76 27.80 9.69
N3A NAD D . -4.63 26.92 9.20
C4A NAD D . -3.96 25.71 8.91
O3 NAD D . -6.78 18.30 9.58
PN NAD D . -6.04 18.15 11.00
O1N NAD D . -4.67 18.62 10.91
O2N NAD D . -6.77 18.95 12.04
O5D NAD D . -6.07 16.58 11.40
C5D NAD D . -7.26 15.80 11.28
C4D NAD D . -7.13 14.79 10.13
O4D NAD D . -6.05 13.86 10.42
C3D NAD D . -8.40 13.93 9.92
O3D NAD D . -8.62 13.83 8.53
C2D NAD D . -8.06 12.61 10.63
O2D NAD D . -8.82 11.48 10.14
C1D NAD D . -6.56 12.47 10.43
N1N NAD D . -5.79 11.83 11.52
C2N NAD D . -4.98 10.80 11.03
C3N NAD D . -4.13 10.12 11.90
C7N NAD D . -3.04 9.12 11.39
O7N NAD D . -2.72 9.10 10.20
N7N NAD D . -2.46 8.27 12.29
C4N NAD D . -4.19 10.30 13.34
C5N NAD D . -4.92 11.48 13.71
C6N NAD D . -5.80 12.19 12.92
ZN ZN E . 6.10 -10.55 -16.16
PA NAD F . -5.30 -13.05 -16.86
O1A NAD F . -5.69 -12.90 -15.46
O2A NAD F . -5.95 -12.01 -17.69
O5B NAD F . -5.69 -14.54 -17.39
C5B NAD F . -5.58 -14.85 -18.84
C4B NAD F . -6.96 -15.29 -19.33
O4B NAD F . -7.28 -16.64 -18.95
C3B NAD F . -8.16 -14.49 -18.84
O3B NAD F . -9.12 -14.21 -19.89
C2B NAD F . -8.83 -15.36 -17.75
O2B NAD F . -10.22 -15.07 -17.62
C1B NAD F . -8.57 -16.74 -18.27
N9A NAD F . -8.29 -17.86 -17.34
C8A NAD F . -7.79 -17.74 -16.05
N7A NAD F . -7.56 -18.92 -15.51
C5A NAD F . -8.01 -19.85 -16.45
C6A NAD F . -8.06 -21.27 -16.43
N6A NAD F . -7.54 -22.05 -15.49
N1A NAD F . -8.73 -21.89 -17.50
C2A NAD F . -9.11 -21.10 -18.57
N3A NAD F . -8.97 -19.80 -18.75
C4A NAD F . -8.45 -19.21 -17.58
O3 NAD F . -3.72 -12.85 -16.99
PN NAD F . -2.43 -13.76 -16.76
O1N NAD F . -2.69 -14.77 -15.75
O2N NAD F . -2.05 -14.44 -18.05
O5D NAD F . -1.23 -12.79 -16.27
C5D NAD F . -1.02 -11.50 -16.81
C4D NAD F . -1.30 -10.44 -15.75
O4D NAD F . -0.41 -10.63 -14.60
C3D NAD F . -1.06 -8.99 -16.24
O3D NAD F . -2.11 -8.19 -15.71
C2D NAD F . 0.33 -8.67 -15.69
O2D NAD F . 0.62 -7.24 -15.62
C1D NAD F . 0.33 -9.38 -14.35
N1N NAD F . 1.64 -9.84 -13.85
C2N NAD F . 1.89 -9.41 -12.55
C3N NAD F . 3.10 -9.76 -11.94
C7N NAD F . 3.39 -9.51 -10.44
O7N NAD F . 2.47 -9.19 -9.69
N7N NAD F . 4.66 -9.65 -9.99
C4N NAD F . 4.18 -10.40 -12.67
C5N NAD F . 3.77 -10.91 -13.94
C6N NAD F . 2.58 -10.65 -14.59
#